data_6J7F
#
_entry.id   6J7F
#
_cell.length_a   119.415
_cell.length_b   119.415
_cell.length_c   210.649
_cell.angle_alpha   90.00
_cell.angle_beta   90.00
_cell.angle_gamma   90.00
#
_symmetry.space_group_name_H-M   'P 41 21 2'
#
loop_
_entity.id
_entity.type
_entity.pdbx_description
1 polymer 'Protein prenyltransferase alpha subunit repeat-containing protein 1'
2 polymer 'Geranylgeranyl transferase type-2 subunit beta'
3 polymer 'Synaptobrevin homolog YKT6'
4 non-polymer 'L(+)-TARTARIC ACID'
5 non-polymer FARNESYL
6 non-polymer 'GERAN-8-YL GERAN'
7 non-polymer DIPHOSPHATE
#
loop_
_entity_poly.entity_id
_entity_poly.type
_entity_poly.pdbx_seq_one_letter_code
_entity_poly.pdbx_strand_id
1 'polypeptide(L)'
;MAETSEEVAVLVQRVVKDITNAFRRNPHIDEIGLIPCPEARYNRSPIVLVENKLGVESWCVKFLLPYVHNKLLLYRTRKQ
WLNRDELIDVTCTLLLLNPDFTTAWNVRKELILSGTLNPIKDLHLGKLALTKFPKSPETWIHRRWVLQQLIQETSLPSFV
TKGNLGTIPTERAQRLIQEEMEVCGEAAGRYPSNYNAWSHRIWVLQHLAKLDVKILLDELSSTKHWASMHVSDHSGFHYR
QFLLKSLISQTVIDSSVMEQNPLRSEPALVPPKDEEAAVSTEEPRINLPHLLEEEVEFSTDLIDSYPGHETLWCHRRHIF
YLQHHLN
;
A
2 'polypeptide(L)'
;GPLGSMGTPQKDVIIKSDAPDTLLLEKHADYIASYGSKKDDYEYCMSEYLRMSGIYWGLTVMDLMGQLHRMNREEILAFI
KSCQHECGGISASIGHDPHLLYTLSAVQILTLYDSINVIDVNKVVEYVKGLQKEDGSFAGDIWGEIDTRFSFCAVATLAL
LGKLDAINVEKAIEFVLSCMNFDGGFGCRPGSESHAGQIYCCTGFLAITSQLHQVNSDLLGWWLCERQLPSGGLNGRPEK
LPDVCYSWWVLASLKIIGRLHWIDREKLRNFILACQDEETGGFADRPGDMVDPFHTLFGIAGLSLLGEEQIKPVNPVFCM
PEEVLQRVNVQPELVS
;
B
3 'polypeptide(L)'
;MKLYSLSVLYKGEAKVVLLKAAYDVSSFSFFQRSSVQEFMTFTSQLIVERSSKGTRASVKEQDYLCHVYVRNDSLAGVVI
ADNEYPSRVAFTLLEKVLDEFSKQVDRIDWPVGSPATIHYPALDGHLSRYQNPREADPMTKVQAELDETKIILHNTMESL
LERGEKLDDLVSKSEVLGTQSKAFYKTARKQNSC(CMT)
;
C
#
loop_
_chem_comp.id
_chem_comp.type
_chem_comp.name
_chem_comp.formula
DPO non-polymer DIPHOSPHATE 'O7 P2 -4'
FAR non-polymer FARNESYL 'C15 H26'
GER non-polymer 'GERAN-8-YL GERAN' 'C20 H34'
TLA non-polymer 'L(+)-TARTARIC ACID' 'C4 H6 O6'
#
# COMPACT_ATOMS: atom_id res chain seq x y z
N GLU A 6 -20.33 29.15 -10.59
CA GLU A 6 -19.91 29.36 -11.98
C GLU A 6 -20.62 28.40 -12.93
N GLU A 7 -19.95 28.08 -14.02
CA GLU A 7 -20.46 27.08 -14.97
C GLU A 7 -20.07 25.69 -14.51
N VAL A 8 -19.30 25.64 -13.42
CA VAL A 8 -18.86 24.38 -12.83
C VAL A 8 -20.05 23.64 -12.21
N ALA A 9 -21.04 24.40 -11.76
CA ALA A 9 -22.22 23.82 -11.10
C ALA A 9 -23.01 22.91 -12.04
N VAL A 10 -23.00 23.23 -13.33
CA VAL A 10 -23.73 22.43 -14.31
C VAL A 10 -22.80 21.52 -15.10
N LEU A 11 -21.52 21.89 -15.16
CA LEU A 11 -20.53 21.08 -15.85
C LEU A 11 -20.26 19.79 -15.08
N VAL A 12 -20.38 19.87 -13.76
CA VAL A 12 -20.13 18.73 -12.90
C VAL A 12 -21.39 17.88 -12.71
N GLN A 13 -22.53 18.54 -12.53
CA GLN A 13 -23.80 17.83 -12.35
C GLN A 13 -24.15 17.02 -13.58
N ARG A 14 -23.57 17.39 -14.71
CA ARG A 14 -23.72 16.65 -15.96
C ARG A 14 -22.92 15.35 -15.93
N VAL A 15 -21.76 15.40 -15.28
CA VAL A 15 -20.84 14.27 -15.23
C VAL A 15 -21.40 13.10 -14.42
N VAL A 16 -22.04 13.40 -13.30
CA VAL A 16 -22.58 12.35 -12.43
C VAL A 16 -23.67 11.54 -13.12
N LYS A 17 -24.26 12.12 -14.17
CA LYS A 17 -25.22 11.39 -15.00
C LYS A 17 -24.49 10.61 -16.07
N ASP A 18 -23.40 11.19 -16.59
CA ASP A 18 -22.59 10.54 -17.61
C ASP A 18 -21.99 9.24 -17.11
N ILE A 19 -21.60 9.21 -15.83
CA ILE A 19 -21.05 8.00 -15.22
C ILE A 19 -22.15 6.98 -14.97
N THR A 20 -23.29 7.46 -14.46
CA THR A 20 -24.43 6.60 -14.19
C THR A 20 -24.96 5.97 -15.47
N ASN A 21 -25.02 6.77 -16.53
CA ASN A 21 -25.48 6.28 -17.83
C ASN A 21 -24.46 5.37 -18.49
N ALA A 22 -23.19 5.51 -18.09
CA ALA A 22 -22.12 4.68 -18.65
C ALA A 22 -22.25 3.24 -18.19
N PHE A 23 -22.86 3.05 -17.02
CA PHE A 23 -23.05 1.71 -16.46
C PHE A 23 -24.27 1.01 -17.04
N ARG A 24 -25.31 1.80 -17.34
CA ARG A 24 -26.49 1.26 -17.99
C ARG A 24 -26.16 0.83 -19.42
N ARG A 25 -25.38 1.67 -20.09
CA ARG A 25 -24.96 1.39 -21.46
C ARG A 25 -24.04 0.18 -21.54
N ASN A 26 -23.10 0.10 -20.60
CA ASN A 26 -22.15 -1.00 -20.57
C ASN A 26 -22.06 -1.64 -19.18
N PRO A 27 -22.79 -2.75 -18.98
CA PRO A 27 -22.77 -3.49 -17.72
C PRO A 27 -21.43 -4.20 -17.49
N HIS A 28 -20.76 -4.57 -18.56
CA HIS A 28 -19.50 -5.30 -18.48
C HIS A 28 -18.30 -4.37 -18.55
N ILE A 29 -18.14 -3.53 -17.54
CA ILE A 29 -16.99 -2.63 -17.46
C ILE A 29 -15.91 -3.23 -16.57
N ASP A 30 -14.70 -3.38 -17.11
CA ASP A 30 -13.60 -3.99 -16.39
C ASP A 30 -13.03 -3.08 -15.31
N GLU A 31 -12.47 -1.95 -15.73
CA GLU A 31 -11.78 -1.06 -14.79
C GLU A 31 -12.08 0.41 -15.05
N ILE A 32 -11.82 1.24 -14.05
CA ILE A 32 -11.88 2.69 -14.20
C ILE A 32 -10.47 3.25 -14.12
N GLY A 33 -10.25 4.41 -14.73
CA GLY A 33 -8.92 4.99 -14.77
C GLY A 33 -8.89 6.48 -14.99
N LEU A 34 -7.73 7.08 -14.74
CA LEU A 34 -7.56 8.52 -14.88
C LEU A 34 -6.84 8.86 -16.19
N ILE A 35 -7.45 9.76 -16.96
CA ILE A 35 -6.85 10.18 -18.22
C ILE A 35 -6.21 11.57 -18.10
N PRO A 36 -4.89 11.65 -18.35
CA PRO A 36 -4.15 12.91 -18.31
C PRO A 36 -4.71 13.93 -19.30
N CYS A 37 -5.32 15.00 -18.77
CA CYS A 37 -5.93 16.02 -19.62
C CYS A 37 -5.90 17.37 -18.91
N PRO A 38 -5.06 18.30 -19.41
CA PRO A 38 -4.84 19.61 -18.77
C PRO A 38 -6.08 20.49 -18.76
N GLU A 39 -6.84 20.51 -19.85
CA GLU A 39 -8.02 21.37 -19.94
C GLU A 39 -9.14 20.69 -20.71
N ALA A 40 -10.38 21.08 -20.40
CA ALA A 40 -11.58 20.49 -20.99
C ALA A 40 -11.64 20.65 -22.49
N ARG A 41 -12.18 19.64 -23.16
CA ARG A 41 -12.42 19.70 -24.60
C ARG A 41 -13.84 20.17 -24.87
N TYR A 42 -14.01 20.99 -25.90
CA TYR A 42 -15.28 21.64 -26.18
C TYR A 42 -16.42 20.65 -26.38
N ASN A 43 -17.46 20.78 -25.55
CA ASN A 43 -18.66 19.96 -25.62
C ASN A 43 -18.38 18.47 -25.56
N ARG A 44 -17.28 18.09 -24.90
CA ARG A 44 -16.92 16.70 -24.73
C ARG A 44 -16.86 16.33 -23.25
N SER A 45 -17.67 15.37 -22.85
CA SER A 45 -17.67 14.89 -21.47
C SER A 45 -16.33 14.29 -21.09
N PRO A 46 -15.84 14.60 -19.88
CA PRO A 46 -14.58 14.04 -19.37
C PRO A 46 -14.69 12.53 -19.15
N ILE A 47 -15.92 12.01 -19.16
CA ILE A 47 -16.15 10.59 -19.01
C ILE A 47 -15.99 9.89 -20.35
N VAL A 48 -14.87 9.21 -20.54
CA VAL A 48 -14.59 8.54 -21.80
C VAL A 48 -14.76 7.02 -21.69
N LEU A 49 -15.65 6.48 -22.50
CA LEU A 49 -15.91 5.04 -22.49
C LEU A 49 -15.28 4.37 -23.72
N VAL A 50 -14.08 3.83 -23.53
CA VAL A 50 -13.40 3.08 -24.57
C VAL A 50 -13.42 1.59 -24.23
N GLU A 51 -14.00 0.79 -25.11
CA GLU A 51 -14.13 -0.65 -24.91
C GLU A 51 -14.89 -0.93 -23.62
N ASN A 52 -14.28 -1.70 -22.71
CA ASN A 52 -14.86 -1.97 -21.41
C ASN A 52 -14.21 -1.12 -20.33
N LYS A 53 -13.46 -0.11 -20.76
CA LYS A 53 -12.74 0.74 -19.83
C LYS A 53 -13.44 2.09 -19.65
N LEU A 54 -13.45 2.60 -18.42
CA LEU A 54 -14.06 3.88 -18.12
C LEU A 54 -13.00 4.92 -17.74
N GLY A 55 -12.90 5.98 -18.53
CA GLY A 55 -11.88 6.98 -18.31
C GLY A 55 -12.43 8.31 -17.83
N VAL A 56 -11.70 8.93 -16.90
CA VAL A 56 -12.08 10.24 -16.37
C VAL A 56 -10.95 11.24 -16.56
N GLU A 57 -11.17 12.23 -17.43
CA GLU A 57 -10.17 13.24 -17.71
C GLU A 57 -9.84 14.06 -16.45
N SER A 58 -8.56 14.31 -16.24
CA SER A 58 -8.08 14.86 -14.97
C SER A 58 -8.53 16.29 -14.70
N TRP A 59 -8.88 17.03 -15.74
CA TRP A 59 -9.24 18.44 -15.58
C TRP A 59 -10.51 18.62 -14.74
N CYS A 60 -11.39 17.63 -14.78
CA CYS A 60 -12.68 17.74 -14.11
C CYS A 60 -12.62 17.29 -12.65
N VAL A 61 -11.61 16.49 -12.33
CA VAL A 61 -11.50 15.91 -10.99
C VAL A 61 -11.41 16.97 -9.90
N LYS A 62 -10.71 18.06 -10.19
CA LYS A 62 -10.57 19.16 -9.22
C LYS A 62 -11.91 19.88 -9.01
N PHE A 63 -12.85 19.66 -9.92
CA PHE A 63 -14.18 20.26 -9.82
C PHE A 63 -15.22 19.22 -9.43
N LEU A 64 -15.12 18.04 -10.03
CA LEU A 64 -16.11 16.98 -9.83
C LEU A 64 -16.18 16.50 -8.39
N LEU A 65 -15.02 16.18 -7.82
CA LEU A 65 -14.98 15.61 -6.46
C LEU A 65 -15.55 16.53 -5.38
N PRO A 66 -15.03 17.77 -5.25
CA PRO A 66 -15.52 18.57 -4.12
C PRO A 66 -17.01 18.91 -4.22
N TYR A 67 -17.55 18.90 -5.44
CA TYR A 67 -18.98 19.08 -5.63
C TYR A 67 -19.75 17.93 -4.99
N VAL A 68 -19.43 16.72 -5.43
CA VAL A 68 -20.08 15.52 -4.92
C VAL A 68 -19.79 15.31 -3.44
N HIS A 69 -18.55 15.60 -3.05
CA HIS A 69 -18.12 15.47 -1.66
C HIS A 69 -18.96 16.34 -0.73
N ASN A 70 -19.09 17.62 -1.08
CA ASN A 70 -19.86 18.55 -0.28
C ASN A 70 -21.36 18.27 -0.32
N LYS A 71 -21.82 17.67 -1.41
CA LYS A 71 -23.23 17.36 -1.57
C LYS A 71 -23.68 16.28 -0.60
N LEU A 72 -22.83 15.28 -0.40
CA LEU A 72 -23.15 14.18 0.52
C LEU A 72 -23.18 14.68 1.96
N LEU A 73 -22.22 15.53 2.31
CA LEU A 73 -22.14 16.08 3.66
C LEU A 73 -23.36 16.91 4.01
N LEU A 74 -23.87 17.66 3.04
CA LEU A 74 -25.09 18.44 3.24
C LEU A 74 -26.28 17.53 3.49
N TYR A 75 -26.31 16.41 2.78
CA TYR A 75 -27.35 15.40 2.99
C TYR A 75 -27.22 14.78 4.38
N ARG A 76 -25.98 14.50 4.77
CA ARG A 76 -25.71 13.86 6.04
C ARG A 76 -26.07 14.77 7.21
N THR A 77 -25.88 16.07 7.01
CA THR A 77 -26.18 17.06 8.04
C THR A 77 -27.59 17.65 7.86
N ARG A 78 -28.35 17.07 6.94
CA ARG A 78 -29.71 17.51 6.65
C ARG A 78 -29.77 19.00 6.28
N LYS A 79 -28.83 19.43 5.46
CA LYS A 79 -28.82 20.81 4.95
C LYS A 79 -29.37 20.86 3.54
N GLN A 80 -29.45 19.70 2.89
CA GLN A 80 -30.00 19.61 1.54
C GLN A 80 -30.52 18.19 1.27
N TRP A 81 -31.78 18.11 0.87
CA TRP A 81 -32.42 16.83 0.61
C TRP A 81 -31.99 16.26 -0.74
N LEU A 82 -31.86 14.93 -0.78
CA LEU A 82 -31.54 14.23 -2.02
C LEU A 82 -32.47 13.04 -2.24
N ASN A 83 -32.90 12.84 -3.49
CA ASN A 83 -33.66 11.65 -3.84
C ASN A 83 -32.81 10.41 -3.60
N ARG A 84 -33.45 9.29 -3.33
CA ARG A 84 -32.72 8.03 -3.13
C ARG A 84 -32.02 7.62 -4.42
N ASP A 85 -32.59 8.01 -5.56
CA ASP A 85 -31.94 7.79 -6.84
C ASP A 85 -30.75 8.73 -6.99
N GLU A 86 -30.91 9.96 -6.53
CA GLU A 86 -29.83 10.94 -6.54
C GLU A 86 -28.73 10.53 -5.58
N LEU A 87 -29.14 9.96 -4.44
CA LEU A 87 -28.20 9.55 -3.40
C LEU A 87 -27.30 8.42 -3.88
N ILE A 88 -27.87 7.49 -4.63
CA ILE A 88 -27.11 6.39 -5.20
C ILE A 88 -26.10 6.92 -6.22
N ASP A 89 -26.57 7.85 -7.06
CA ASP A 89 -25.73 8.39 -8.13
C ASP A 89 -24.53 9.18 -7.61
N VAL A 90 -24.74 9.99 -6.58
CA VAL A 90 -23.65 10.81 -6.06
C VAL A 90 -22.63 9.96 -5.30
N THR A 91 -23.11 9.05 -4.45
CA THR A 91 -22.22 8.19 -3.68
C THR A 91 -21.39 7.31 -4.61
N CYS A 92 -21.98 6.94 -5.75
CA CYS A 92 -21.29 6.12 -6.74
C CYS A 92 -20.09 6.87 -7.32
N THR A 93 -20.33 8.06 -7.83
CA THR A 93 -19.26 8.87 -8.43
C THR A 93 -18.28 9.36 -7.36
N LEU A 94 -18.76 9.46 -6.12
CA LEU A 94 -17.93 9.90 -5.02
C LEU A 94 -16.91 8.84 -4.65
N LEU A 95 -17.36 7.58 -4.60
CA LEU A 95 -16.52 6.48 -4.17
C LEU A 95 -15.59 5.98 -5.27
N LEU A 96 -15.89 6.33 -6.52
CA LEU A 96 -15.00 6.00 -7.62
C LEU A 96 -13.79 6.94 -7.62
N LEU A 97 -13.93 8.06 -6.93
CA LEU A 97 -12.87 9.05 -6.83
C LEU A 97 -12.07 8.90 -5.54
N ASN A 98 -12.76 8.51 -4.47
CA ASN A 98 -12.12 8.36 -3.16
C ASN A 98 -12.84 7.32 -2.29
N PRO A 99 -12.52 6.04 -2.49
CA PRO A 99 -13.17 4.91 -1.83
C PRO A 99 -12.91 4.87 -0.32
N ASP A 100 -11.95 5.66 0.14
CA ASP A 100 -11.60 5.68 1.56
C ASP A 100 -12.56 6.54 2.36
N PHE A 101 -13.44 7.26 1.65
CA PHE A 101 -14.45 8.09 2.27
C PHE A 101 -15.49 7.21 2.97
N THR A 102 -15.25 6.92 4.24
CA THR A 102 -16.04 5.96 5.01
C THR A 102 -17.53 6.29 5.05
N THR A 103 -17.85 7.56 5.24
CA THR A 103 -19.24 8.00 5.40
C THR A 103 -20.10 7.63 4.18
N ALA A 104 -19.55 7.81 2.99
CA ALA A 104 -20.27 7.47 1.76
C ALA A 104 -20.63 6.00 1.71
N TRP A 105 -19.71 5.15 2.16
CA TRP A 105 -19.97 3.72 2.24
C TRP A 105 -21.06 3.43 3.27
N ASN A 106 -21.00 4.14 4.40
CA ASN A 106 -21.99 3.96 5.46
C ASN A 106 -23.39 4.36 5.01
N VAL A 107 -23.46 5.38 4.16
CA VAL A 107 -24.73 5.81 3.58
C VAL A 107 -25.33 4.70 2.72
N ARG A 108 -24.48 4.07 1.91
CA ARG A 108 -24.91 2.97 1.06
C ARG A 108 -25.31 1.75 1.90
N LYS A 109 -24.68 1.60 3.06
CA LYS A 109 -25.07 0.54 3.99
C LYS A 109 -26.50 0.73 4.44
N GLU A 110 -26.83 1.98 4.77
CA GLU A 110 -28.17 2.33 5.21
C GLU A 110 -29.19 2.11 4.11
N LEU A 111 -28.79 2.39 2.87
CA LEU A 111 -29.66 2.18 1.72
C LEU A 111 -29.92 0.69 1.50
N ILE A 112 -28.88 -0.11 1.64
CA ILE A 112 -29.00 -1.57 1.50
C ILE A 112 -29.87 -2.14 2.61
N LEU A 113 -29.66 -1.65 3.83
CA LEU A 113 -30.38 -2.16 4.99
C LEU A 113 -31.84 -1.71 4.98
N SER A 114 -32.12 -0.60 4.31
CA SER A 114 -33.49 -0.09 4.22
C SER A 114 -34.25 -0.74 3.07
N GLY A 115 -33.52 -1.38 2.17
CA GLY A 115 -34.12 -2.09 1.04
C GLY A 115 -34.07 -1.28 -0.24
N THR A 116 -33.55 -0.06 -0.16
CA THR A 116 -33.47 0.81 -1.32
C THR A 116 -32.44 0.32 -2.33
N LEU A 117 -31.28 -0.08 -1.84
CA LEU A 117 -30.17 -0.48 -2.70
C LEU A 117 -29.97 -1.99 -2.68
N ASN A 118 -29.66 -2.56 -3.84
CA ASN A 118 -29.38 -3.98 -3.94
C ASN A 118 -27.91 -4.25 -3.64
N PRO A 119 -27.64 -5.15 -2.68
CA PRO A 119 -26.30 -5.48 -2.19
C PRO A 119 -25.31 -5.86 -3.30
N ILE A 120 -25.79 -6.54 -4.33
CA ILE A 120 -24.93 -6.95 -5.44
C ILE A 120 -24.38 -5.74 -6.19
N LYS A 121 -25.16 -4.67 -6.24
CA LYS A 121 -24.74 -3.45 -6.92
C LYS A 121 -23.54 -2.81 -6.22
N ASP A 122 -23.43 -3.04 -4.90
CA ASP A 122 -22.31 -2.51 -4.14
C ASP A 122 -21.06 -3.35 -4.32
N LEU A 123 -21.25 -4.66 -4.46
CA LEU A 123 -20.14 -5.57 -4.73
C LEU A 123 -19.46 -5.20 -6.04
N HIS A 124 -20.27 -4.93 -7.06
CA HIS A 124 -19.74 -4.54 -8.36
C HIS A 124 -19.12 -3.16 -8.32
N LEU A 125 -19.67 -2.30 -7.47
CA LEU A 125 -19.15 -0.95 -7.31
C LEU A 125 -17.76 -0.98 -6.69
N GLY A 126 -17.62 -1.73 -5.60
CA GLY A 126 -16.34 -1.88 -4.94
C GLY A 126 -15.33 -2.56 -5.85
N LYS A 127 -15.81 -3.50 -6.65
CA LYS A 127 -14.98 -4.23 -7.61
C LYS A 127 -14.31 -3.27 -8.59
N LEU A 128 -15.07 -2.28 -9.07
CA LEU A 128 -14.52 -1.28 -9.97
C LEU A 128 -13.57 -0.34 -9.26
N ALA A 129 -13.91 0.01 -8.03
CA ALA A 129 -13.08 0.91 -7.22
C ALA A 129 -11.73 0.27 -6.90
N LEU A 130 -11.71 -1.05 -6.82
CA LEU A 130 -10.50 -1.79 -6.50
C LEU A 130 -9.57 -1.95 -7.70
N THR A 131 -9.88 -1.25 -8.79
CA THR A 131 -9.03 -1.29 -9.97
C THR A 131 -8.12 -0.06 -10.00
N LYS A 132 -8.63 1.05 -9.48
CA LYS A 132 -7.84 2.28 -9.37
C LYS A 132 -7.24 2.38 -7.98
N PHE A 133 -7.99 1.88 -7.00
CA PHE A 133 -7.52 1.85 -5.61
C PHE A 133 -7.55 0.42 -5.07
N PRO A 134 -6.62 -0.42 -5.55
CA PRO A 134 -6.64 -1.86 -5.24
C PRO A 134 -6.26 -2.18 -3.78
N LYS A 135 -5.86 -1.17 -3.02
CA LYS A 135 -5.41 -1.40 -1.66
C LYS A 135 -6.26 -0.63 -0.64
N SER A 136 -7.28 0.08 -1.13
CA SER A 136 -8.16 0.88 -0.28
C SER A 136 -8.80 0.07 0.85
N PRO A 137 -8.41 0.36 2.10
CA PRO A 137 -8.87 -0.36 3.28
C PRO A 137 -10.39 -0.34 3.46
N GLU A 138 -10.99 0.84 3.39
CA GLU A 138 -12.42 1.00 3.62
C GLU A 138 -13.26 0.22 2.60
N THR A 139 -12.74 0.06 1.40
CA THR A 139 -13.43 -0.71 0.37
C THR A 139 -13.58 -2.16 0.81
N TRP A 140 -12.48 -2.75 1.25
CA TRP A 140 -12.49 -4.12 1.75
C TRP A 140 -13.36 -4.25 2.99
N ILE A 141 -13.34 -3.22 3.83
CA ILE A 141 -14.15 -3.20 5.05
C ILE A 141 -15.63 -3.23 4.72
N HIS A 142 -16.04 -2.41 3.77
CA HIS A 142 -17.43 -2.34 3.35
C HIS A 142 -17.88 -3.65 2.70
N ARG A 143 -16.98 -4.26 1.94
CA ARG A 143 -17.26 -5.54 1.29
C ARG A 143 -17.65 -6.61 2.29
N ARG A 144 -16.94 -6.65 3.42
CA ARG A 144 -17.21 -7.62 4.47
C ARG A 144 -18.61 -7.43 5.06
N TRP A 145 -19.02 -6.18 5.21
CA TRP A 145 -20.35 -5.88 5.73
C TRP A 145 -21.42 -6.32 4.74
N VAL A 146 -21.19 -6.07 3.46
CA VAL A 146 -22.14 -6.46 2.42
C VAL A 146 -22.29 -7.98 2.36
N LEU A 147 -21.16 -8.67 2.40
CA LEU A 147 -21.15 -10.14 2.38
C LEU A 147 -21.84 -10.70 3.62
N GLN A 148 -21.63 -10.06 4.77
CA GLN A 148 -22.22 -10.50 6.02
C GLN A 148 -23.75 -10.36 5.98
N GLN A 149 -24.23 -9.45 5.15
CA GLN A 149 -25.66 -9.23 4.99
C GLN A 149 -26.27 -10.25 4.02
N LEU A 150 -25.42 -10.92 3.27
CA LEU A 150 -25.88 -11.91 2.29
C LEU A 150 -25.87 -13.32 2.89
N ILE A 151 -25.58 -13.42 4.18
CA ILE A 151 -25.56 -14.69 4.88
C ILE A 151 -26.59 -14.65 6.01
N GLN A 152 -26.93 -13.45 6.45
CA GLN A 152 -27.89 -13.25 7.52
C GLN A 152 -29.33 -13.37 7.01
N GLU A 153 -29.47 -13.73 5.74
CA GLU A 153 -30.78 -13.88 5.12
C GLU A 153 -31.56 -15.06 5.71
N THR A 154 -30.82 -16.04 6.23
CA THR A 154 -31.39 -17.24 6.82
C THR A 154 -32.37 -17.95 5.89
N THR A 167 -20.38 -29.26 7.31
CA THR A 167 -21.45 -28.90 6.39
C THR A 167 -20.93 -28.00 5.27
N ILE A 168 -21.42 -28.25 4.06
CA ILE A 168 -21.02 -27.48 2.89
C ILE A 168 -22.03 -26.37 2.61
N PRO A 169 -21.55 -25.12 2.47
CA PRO A 169 -22.41 -23.97 2.20
C PRO A 169 -23.21 -24.10 0.90
N THR A 170 -24.20 -23.23 0.73
CA THR A 170 -25.10 -23.30 -0.42
C THR A 170 -24.39 -23.04 -1.74
N GLU A 171 -25.09 -23.31 -2.84
CA GLU A 171 -24.53 -23.12 -4.18
C GLU A 171 -24.30 -21.64 -4.48
N ARG A 172 -25.25 -20.81 -4.06
CA ARG A 172 -25.14 -19.36 -4.26
C ARG A 172 -23.97 -18.80 -3.48
N ALA A 173 -23.69 -19.40 -2.32
CA ALA A 173 -22.57 -18.99 -1.49
C ALA A 173 -21.26 -19.23 -2.20
N GLN A 174 -21.13 -20.40 -2.82
CA GLN A 174 -19.90 -20.75 -3.53
C GLN A 174 -19.70 -19.88 -4.76
N ARG A 175 -20.80 -19.36 -5.30
CA ARG A 175 -20.72 -18.42 -6.42
C ARG A 175 -20.12 -17.11 -5.95
N LEU A 176 -20.51 -16.69 -4.74
CA LEU A 176 -19.98 -15.47 -4.15
C LEU A 176 -18.53 -15.64 -3.73
N ILE A 177 -18.22 -16.78 -3.12
CA ILE A 177 -16.86 -17.08 -2.66
C ILE A 177 -15.86 -17.08 -3.81
N GLN A 178 -16.23 -17.72 -4.92
CA GLN A 178 -15.37 -17.77 -6.10
C GLN A 178 -15.17 -16.37 -6.68
N GLU A 179 -16.20 -15.53 -6.55
CA GLU A 179 -16.12 -14.15 -7.00
C GLU A 179 -15.13 -13.36 -6.14
N GLU A 180 -15.10 -13.68 -4.85
CA GLU A 180 -14.18 -13.02 -3.93
C GLU A 180 -12.73 -13.43 -4.22
N MET A 181 -12.55 -14.67 -4.63
CA MET A 181 -11.21 -15.18 -4.94
C MET A 181 -10.64 -14.46 -6.16
N GLU A 182 -11.51 -14.03 -7.07
CA GLU A 182 -11.08 -13.37 -8.29
C GLU A 182 -10.62 -11.93 -8.01
N VAL A 183 -11.43 -11.19 -7.26
CA VAL A 183 -11.12 -9.79 -6.97
C VAL A 183 -9.92 -9.65 -6.02
N CYS A 184 -9.78 -10.62 -5.12
CA CYS A 184 -8.64 -10.61 -4.20
C CYS A 184 -7.36 -10.95 -4.95
N GLY A 185 -7.48 -11.77 -6.00
CA GLY A 185 -6.35 -12.14 -6.82
C GLY A 185 -5.91 -11.01 -7.73
N GLU A 186 -6.88 -10.35 -8.37
CA GLU A 186 -6.59 -9.25 -9.28
C GLU A 186 -6.02 -8.05 -8.52
N ALA A 187 -6.51 -7.82 -7.32
CA ALA A 187 -6.02 -6.72 -6.50
C ALA A 187 -4.61 -7.03 -5.98
N ALA A 188 -4.30 -8.31 -5.87
CA ALA A 188 -2.98 -8.74 -5.43
C ALA A 188 -1.97 -8.63 -6.57
N GLY A 189 -2.48 -8.60 -7.81
CA GLY A 189 -1.64 -8.50 -8.98
C GLY A 189 -1.31 -7.07 -9.34
N ARG A 190 -2.17 -6.14 -8.92
CA ARG A 190 -1.97 -4.73 -9.24
C ARG A 190 -1.01 -4.06 -8.26
N TYR A 191 -1.07 -4.48 -7.00
CA TYR A 191 -0.17 -3.92 -5.98
C TYR A 191 0.58 -5.02 -5.26
N PRO A 192 1.91 -4.95 -5.25
CA PRO A 192 2.77 -5.95 -4.60
C PRO A 192 2.61 -5.97 -3.08
N SER A 193 2.48 -7.17 -2.52
CA SER A 193 2.26 -7.37 -1.08
C SER A 193 1.05 -6.58 -0.60
N ASN A 194 -0.10 -6.81 -1.24
CA ASN A 194 -1.34 -6.15 -0.87
C ASN A 194 -1.96 -6.83 0.35
N TYR A 195 -1.60 -6.34 1.54
CA TYR A 195 -2.04 -6.94 2.79
C TYR A 195 -3.56 -6.98 2.91
N ASN A 196 -4.21 -5.84 2.67
CA ASN A 196 -5.66 -5.73 2.82
C ASN A 196 -6.43 -6.65 1.88
N ALA A 197 -5.85 -6.96 0.73
CA ALA A 197 -6.49 -7.83 -0.24
C ALA A 197 -6.45 -9.28 0.20
N TRP A 198 -5.27 -9.73 0.61
CA TRP A 198 -5.11 -11.12 1.06
C TRP A 198 -5.80 -11.35 2.40
N SER A 199 -5.85 -10.31 3.22
CA SER A 199 -6.51 -10.40 4.52
C SER A 199 -8.01 -10.60 4.34
N HIS A 200 -8.56 -10.01 3.29
CA HIS A 200 -9.97 -10.15 2.97
C HIS A 200 -10.25 -11.55 2.40
N ARG A 201 -9.33 -12.02 1.56
CA ARG A 201 -9.45 -13.35 0.98
C ARG A 201 -9.46 -14.42 2.06
N ILE A 202 -8.67 -14.20 3.11
CA ILE A 202 -8.64 -15.09 4.26
C ILE A 202 -9.94 -14.99 5.04
N TRP A 203 -10.42 -13.76 5.24
CA TRP A 203 -11.65 -13.51 5.98
C TRP A 203 -12.84 -14.22 5.34
N VAL A 204 -12.83 -14.27 4.01
CA VAL A 204 -13.90 -14.95 3.27
C VAL A 204 -13.94 -16.43 3.58
N LEU A 205 -12.78 -17.08 3.53
CA LEU A 205 -12.70 -18.52 3.78
C LEU A 205 -13.14 -18.89 5.19
N GLN A 206 -13.08 -17.94 6.10
CA GLN A 206 -13.43 -18.18 7.49
C GLN A 206 -14.93 -18.06 7.75
N HIS A 207 -15.56 -17.06 7.14
CA HIS A 207 -16.96 -16.76 7.39
C HIS A 207 -17.89 -17.19 6.27
N LEU A 208 -17.40 -17.11 5.03
CA LEU A 208 -18.20 -17.49 3.86
C LEU A 208 -18.05 -18.98 3.54
N ALA A 209 -16.84 -19.51 3.72
CA ALA A 209 -16.55 -20.89 3.36
C ALA A 209 -16.50 -21.80 4.59
N LYS A 210 -16.36 -21.19 5.77
CA LYS A 210 -16.26 -21.93 7.02
C LYS A 210 -15.13 -22.95 6.99
N LEU A 211 -14.00 -22.57 6.37
CA LEU A 211 -12.84 -23.44 6.23
C LEU A 211 -13.19 -24.76 5.55
N ASP A 212 -13.90 -24.68 4.43
CA ASP A 212 -14.29 -25.86 3.67
C ASP A 212 -13.06 -26.56 3.10
N VAL A 213 -12.92 -27.84 3.42
CA VAL A 213 -11.75 -28.62 3.03
C VAL A 213 -11.54 -28.67 1.52
N LYS A 214 -12.63 -28.66 0.76
CA LYS A 214 -12.54 -28.71 -0.70
C LYS A 214 -12.02 -27.39 -1.27
N ILE A 215 -12.61 -26.29 -0.81
CA ILE A 215 -12.24 -24.96 -1.29
C ILE A 215 -10.79 -24.63 -0.91
N LEU A 216 -10.40 -25.07 0.28
CA LEU A 216 -9.03 -24.87 0.76
C LEU A 216 -8.02 -25.52 -0.17
N LEU A 217 -8.34 -26.71 -0.66
CA LEU A 217 -7.47 -27.43 -1.57
C LEU A 217 -7.41 -26.77 -2.94
N ASP A 218 -8.57 -26.37 -3.45
CA ASP A 218 -8.65 -25.70 -4.75
C ASP A 218 -7.88 -24.39 -4.74
N GLU A 219 -7.95 -23.69 -3.61
CA GLU A 219 -7.21 -22.44 -3.44
C GLU A 219 -5.71 -22.71 -3.33
N LEU A 220 -5.36 -23.82 -2.71
CA LEU A 220 -3.95 -24.19 -2.55
C LEU A 220 -3.33 -24.58 -3.88
N SER A 221 -4.14 -25.15 -4.77
CA SER A 221 -3.66 -25.64 -6.05
C SER A 221 -3.53 -24.52 -7.08
N SER A 222 -4.55 -23.68 -7.17
CA SER A 222 -4.59 -22.61 -8.16
C SER A 222 -3.56 -21.51 -7.89
N THR A 223 -3.30 -21.24 -6.62
CA THR A 223 -2.41 -20.15 -6.23
C THR A 223 -0.94 -20.56 -6.22
N LYS A 224 -0.66 -21.83 -6.50
CA LYS A 224 0.71 -22.32 -6.50
C LYS A 224 1.51 -21.69 -7.64
N HIS A 225 0.83 -21.46 -8.77
CA HIS A 225 1.48 -20.84 -9.92
C HIS A 225 1.70 -19.35 -9.67
N TRP A 226 0.74 -18.71 -8.99
CA TRP A 226 0.82 -17.29 -8.71
C TRP A 226 2.00 -16.97 -7.81
N ALA A 227 2.27 -17.86 -6.86
CA ALA A 227 3.37 -17.69 -5.93
C ALA A 227 4.72 -17.76 -6.63
N SER A 228 4.79 -18.55 -7.70
CA SER A 228 6.02 -18.72 -8.45
C SER A 228 6.31 -17.50 -9.33
N MET A 229 5.29 -16.67 -9.52
CA MET A 229 5.43 -15.47 -10.36
C MET A 229 5.48 -14.21 -9.50
N HIS A 230 5.32 -14.38 -8.19
CA HIS A 230 5.42 -13.28 -7.25
C HIS A 230 6.13 -13.75 -5.98
N VAL A 231 7.43 -13.97 -6.09
CA VAL A 231 8.20 -14.59 -5.00
C VAL A 231 8.46 -13.65 -3.83
N SER A 232 8.37 -12.35 -4.05
CA SER A 232 8.64 -11.38 -3.00
C SER A 232 7.36 -10.94 -2.29
N ASP A 233 6.25 -11.61 -2.61
CA ASP A 233 4.95 -11.27 -2.04
C ASP A 233 4.67 -12.13 -0.82
N HIS A 234 5.08 -11.66 0.35
CA HIS A 234 4.93 -12.42 1.58
C HIS A 234 3.46 -12.58 1.98
N SER A 235 2.63 -11.64 1.54
CA SER A 235 1.21 -11.69 1.82
C SER A 235 0.56 -12.87 1.12
N GLY A 236 0.99 -13.12 -0.11
CA GLY A 236 0.50 -14.24 -0.88
C GLY A 236 0.96 -15.57 -0.32
N PHE A 237 2.22 -15.62 0.12
CA PHE A 237 2.77 -16.83 0.69
C PHE A 237 2.20 -17.12 2.07
N HIS A 238 1.74 -16.07 2.76
CA HIS A 238 1.07 -16.27 4.04
C HIS A 238 -0.27 -16.92 3.82
N TYR A 239 -0.92 -16.57 2.71
CA TYR A 239 -2.18 -17.18 2.31
C TYR A 239 -1.99 -18.68 2.14
N ARG A 240 -0.83 -19.05 1.59
CA ARG A 240 -0.44 -20.44 1.45
C ARG A 240 -0.35 -21.11 2.82
N GLN A 241 0.30 -20.41 3.75
CA GLN A 241 0.44 -20.90 5.12
C GLN A 241 -0.92 -21.06 5.78
N PHE A 242 -1.81 -20.11 5.54
CA PHE A 242 -3.15 -20.14 6.10
C PHE A 242 -3.92 -21.35 5.60
N LEU A 243 -3.86 -21.60 4.29
CA LEU A 243 -4.53 -22.74 3.69
C LEU A 243 -4.06 -24.05 4.31
N LEU A 244 -2.74 -24.19 4.45
CA LEU A 244 -2.16 -25.39 5.04
C LEU A 244 -2.52 -25.52 6.52
N LYS A 245 -2.46 -24.40 7.25
CA LYS A 245 -2.74 -24.39 8.68
C LYS A 245 -4.20 -24.69 8.94
N SER A 246 -5.07 -24.32 8.01
CA SER A 246 -6.51 -24.56 8.15
C SER A 246 -6.85 -26.01 7.84
N LEU A 247 -6.09 -26.61 6.92
CA LEU A 247 -6.29 -28.01 6.55
C LEU A 247 -5.95 -28.94 7.71
N ILE A 248 -4.98 -28.52 8.53
CA ILE A 248 -4.60 -29.29 9.71
C ILE A 248 -5.71 -29.23 10.77
N SER A 249 -6.35 -28.07 10.88
CA SER A 249 -7.41 -27.86 11.86
C SER A 249 -8.68 -28.62 11.50
N GLN A 250 -8.94 -28.78 10.22
CA GLN A 250 -10.17 -29.41 9.75
C GLN A 250 -10.07 -30.94 9.75
N THR A 251 -8.89 -31.46 9.44
CA THR A 251 -8.68 -32.91 9.37
C THR A 251 -8.36 -33.50 10.74
N VAL A 252 -8.33 -32.64 11.75
CA VAL A 252 -8.05 -33.04 13.13
C VAL A 252 -6.73 -33.80 13.25
N SER A 280 -11.28 -39.57 -1.39
CA SER A 280 -12.24 -38.49 -1.45
C SER A 280 -11.82 -37.33 -0.54
N THR A 281 -12.70 -36.98 0.41
CA THR A 281 -12.42 -35.89 1.33
C THR A 281 -11.69 -36.40 2.59
N GLU A 282 -11.21 -37.63 2.52
CA GLU A 282 -10.47 -38.22 3.64
C GLU A 282 -9.02 -38.49 3.25
N GLU A 283 -8.73 -38.34 1.96
CA GLU A 283 -7.36 -38.47 1.46
C GLU A 283 -6.36 -37.40 1.93
N PRO A 284 -6.83 -36.16 2.19
CA PRO A 284 -5.88 -35.20 2.76
C PRO A 284 -5.23 -35.61 4.09
N ARG A 285 -5.68 -36.71 4.69
CA ARG A 285 -5.05 -37.22 5.90
C ARG A 285 -3.63 -37.71 5.62
N ILE A 286 -3.49 -38.60 4.64
CA ILE A 286 -2.19 -39.09 4.22
C ILE A 286 -1.46 -38.00 3.42
N ASN A 287 -2.23 -37.10 2.84
CA ASN A 287 -1.69 -36.02 2.03
C ASN A 287 -1.23 -34.84 2.89
N LEU A 288 -1.65 -34.83 4.15
CA LEU A 288 -1.28 -33.76 5.07
C LEU A 288 0.23 -33.68 5.31
N PRO A 289 0.90 -34.82 5.57
CA PRO A 289 2.36 -34.71 5.62
C PRO A 289 2.96 -34.62 4.22
N HIS A 290 2.15 -34.93 3.21
CA HIS A 290 2.61 -34.90 1.83
C HIS A 290 2.49 -33.50 1.23
N LEU A 291 1.45 -32.78 1.61
CA LEU A 291 1.28 -31.41 1.17
C LEU A 291 2.34 -30.50 1.78
N LEU A 292 2.69 -30.78 3.03
CA LEU A 292 3.71 -30.01 3.73
C LEU A 292 5.09 -30.25 3.14
N GLU A 293 5.36 -31.48 2.72
CA GLU A 293 6.64 -31.80 2.11
C GLU A 293 6.64 -31.38 0.64
N GLU A 294 5.46 -31.22 0.07
CA GLU A 294 5.33 -30.69 -1.29
C GLU A 294 5.56 -29.19 -1.28
N GLU A 295 5.09 -28.54 -0.23
CA GLU A 295 5.24 -27.10 -0.08
C GLU A 295 6.69 -26.71 0.18
N VAL A 296 7.37 -27.47 1.03
CA VAL A 296 8.75 -27.20 1.36
C VAL A 296 9.66 -27.51 0.16
N GLU A 297 9.19 -28.42 -0.69
CA GLU A 297 9.91 -28.75 -1.92
C GLU A 297 9.71 -27.63 -2.93
N PHE A 298 8.48 -27.16 -3.05
CA PHE A 298 8.13 -26.07 -3.95
C PHE A 298 8.86 -24.79 -3.57
N SER A 299 9.03 -24.57 -2.26
CA SER A 299 9.74 -23.40 -1.77
C SER A 299 11.24 -23.52 -2.04
N THR A 300 11.79 -24.70 -1.78
CA THR A 300 13.21 -24.97 -2.03
C THR A 300 13.52 -24.86 -3.51
N ASP A 301 12.56 -25.25 -4.34
CA ASP A 301 12.71 -25.19 -5.78
C ASP A 301 12.72 -23.74 -6.28
N LEU A 302 12.23 -22.84 -5.43
CA LEU A 302 12.19 -21.42 -5.76
C LEU A 302 13.39 -20.67 -5.20
N ILE A 303 13.84 -21.08 -4.01
CA ILE A 303 15.00 -20.46 -3.39
C ILE A 303 16.26 -20.77 -4.20
N ASP A 304 16.33 -21.99 -4.72
CA ASP A 304 17.44 -22.39 -5.57
C ASP A 304 17.38 -21.67 -6.92
N SER A 305 16.17 -21.33 -7.35
CA SER A 305 15.98 -20.64 -8.62
C SER A 305 16.12 -19.13 -8.45
N TYR A 306 15.49 -18.60 -7.40
CA TYR A 306 15.52 -17.16 -7.15
C TYR A 306 16.04 -16.85 -5.75
N PRO A 307 17.37 -16.78 -5.60
CA PRO A 307 17.99 -16.51 -4.30
C PRO A 307 17.88 -15.05 -3.88
N GLY A 308 17.85 -14.80 -2.57
CA GLY A 308 17.80 -13.45 -2.05
C GLY A 308 16.49 -13.09 -1.37
N HIS A 309 15.38 -13.53 -1.95
CA HIS A 309 14.06 -13.20 -1.43
C HIS A 309 13.81 -13.81 -0.06
N GLU A 310 13.77 -12.96 0.97
CA GLU A 310 13.60 -13.43 2.33
C GLU A 310 12.19 -13.98 2.57
N THR A 311 11.26 -13.66 1.68
CA THR A 311 9.91 -14.19 1.75
C THR A 311 9.93 -15.71 1.61
N LEU A 312 10.63 -16.18 0.58
CA LEU A 312 10.79 -17.62 0.34
C LEU A 312 11.46 -18.28 1.54
N TRP A 313 12.46 -17.59 2.09
CA TRP A 313 13.14 -18.05 3.29
C TRP A 313 12.17 -18.12 4.46
N CYS A 314 11.42 -17.04 4.67
CA CYS A 314 10.44 -16.98 5.75
C CYS A 314 9.31 -17.98 5.54
N HIS A 315 8.95 -18.22 4.28
CA HIS A 315 7.87 -19.16 3.96
C HIS A 315 8.25 -20.58 4.37
N ARG A 316 9.40 -21.05 3.89
CA ARG A 316 9.92 -22.36 4.25
C ARG A 316 10.09 -22.49 5.76
N ARG A 317 10.62 -21.42 6.36
CA ARG A 317 10.82 -21.34 7.80
C ARG A 317 9.51 -21.57 8.54
N HIS A 318 8.42 -21.01 8.01
CA HIS A 318 7.11 -21.18 8.60
C HIS A 318 6.55 -22.58 8.35
N ILE A 319 6.91 -23.16 7.21
CA ILE A 319 6.45 -24.51 6.87
C ILE A 319 7.09 -25.53 7.82
N PHE A 320 8.36 -25.30 8.16
CA PHE A 320 9.08 -26.15 9.09
C PHE A 320 8.35 -26.21 10.44
N TYR A 321 7.80 -25.09 10.86
CA TYR A 321 7.05 -25.00 12.11
C TYR A 321 5.84 -25.92 12.09
N LEU A 322 5.22 -26.04 10.92
CA LEU A 322 4.03 -26.88 10.76
C LEU A 322 4.38 -28.37 10.83
N GLN A 323 5.49 -28.74 10.19
CA GLN A 323 5.93 -30.13 10.19
C GLN A 323 6.40 -30.59 11.56
N HIS A 324 7.04 -29.69 12.30
CA HIS A 324 7.58 -30.00 13.61
C HIS A 324 6.48 -30.15 14.66
N HIS A 325 5.31 -29.58 14.38
CA HIS A 325 4.20 -29.62 15.32
C HIS A 325 3.02 -30.43 14.81
N LEU A 326 3.15 -31.76 14.85
CA LEU A 326 2.09 -32.66 14.43
C LEU A 326 2.05 -33.90 15.31
N THR B 8 19.98 -10.55 -8.33
CA THR B 8 19.52 -9.19 -8.08
C THR B 8 19.58 -8.84 -6.59
N PRO B 9 19.99 -7.60 -6.27
CA PRO B 9 20.09 -7.12 -4.88
C PRO B 9 18.75 -7.15 -4.14
N GLN B 10 18.81 -7.07 -2.82
CA GLN B 10 17.61 -7.07 -2.00
C GLN B 10 16.81 -5.78 -2.19
N LYS B 11 15.48 -5.89 -2.17
CA LYS B 11 14.62 -4.74 -2.36
C LYS B 11 14.77 -3.77 -1.18
N ASP B 12 15.42 -2.64 -1.44
CA ASP B 12 15.76 -1.66 -0.42
C ASP B 12 16.23 -0.37 -1.06
N VAL B 13 16.21 0.72 -0.31
CA VAL B 13 16.66 2.02 -0.83
C VAL B 13 18.16 2.21 -0.62
N ILE B 14 18.73 3.15 -1.37
CA ILE B 14 20.14 3.48 -1.25
C ILE B 14 20.31 4.95 -0.88
N ILE B 15 20.79 5.22 0.34
CA ILE B 15 20.97 6.59 0.81
C ILE B 15 22.11 7.27 0.08
N LYS B 16 21.82 8.41 -0.53
CA LYS B 16 22.83 9.17 -1.26
C LYS B 16 23.67 10.03 -0.32
N SER B 17 24.77 10.56 -0.83
CA SER B 17 25.68 11.35 -0.02
C SER B 17 25.16 12.78 0.19
N ASP B 18 24.51 13.31 -0.84
CA ASP B 18 23.96 14.67 -0.76
C ASP B 18 22.63 14.68 0.00
N ALA B 19 22.17 13.49 0.41
CA ALA B 19 20.98 13.37 1.22
C ALA B 19 21.20 14.01 2.58
N PRO B 20 20.13 14.55 3.19
CA PRO B 20 20.23 15.21 4.49
C PRO B 20 20.81 14.31 5.58
N ASP B 21 21.68 14.88 6.41
CA ASP B 21 22.27 14.14 7.53
C ASP B 21 22.24 15.01 8.79
N THR B 22 21.43 16.06 8.76
CA THR B 22 21.30 16.97 9.89
C THR B 22 19.83 17.24 10.18
N LEU B 23 19.46 17.17 11.45
CA LEU B 23 18.07 17.39 11.86
C LEU B 23 17.64 18.83 11.62
N LEU B 24 16.71 19.02 10.68
CA LEU B 24 16.18 20.34 10.38
C LEU B 24 14.92 20.61 11.20
N LEU B 25 15.13 20.82 12.50
CA LEU B 25 14.03 20.93 13.45
C LEU B 25 13.15 22.15 13.18
N GLU B 26 13.73 23.20 12.62
CA GLU B 26 12.99 24.44 12.39
C GLU B 26 12.12 24.37 11.14
N LYS B 27 12.67 23.78 10.07
CA LYS B 27 11.92 23.66 8.81
C LYS B 27 10.75 22.70 8.96
N HIS B 28 10.84 21.78 9.91
CA HIS B 28 9.76 20.86 10.19
C HIS B 28 8.61 21.58 10.87
N ALA B 29 8.94 22.50 11.76
CA ALA B 29 7.95 23.29 12.47
C ALA B 29 7.21 24.21 11.51
N ASP B 30 7.93 24.75 10.54
CA ASP B 30 7.36 25.63 9.53
C ASP B 30 6.43 24.89 8.58
N TYR B 31 6.78 23.65 8.26
CA TYR B 31 5.98 22.85 7.34
C TYR B 31 4.60 22.55 7.90
N ILE B 32 4.55 22.10 9.15
CA ILE B 32 3.29 21.78 9.80
C ILE B 32 2.46 23.04 10.03
N ALA B 33 3.14 24.14 10.32
CA ALA B 33 2.47 25.42 10.57
C ALA B 33 1.79 25.96 9.31
N SER B 34 2.46 25.80 8.17
CA SER B 34 1.95 26.34 6.92
C SER B 34 1.18 25.29 6.12
N TYR B 35 0.83 24.19 6.77
CA TYR B 35 0.06 23.14 6.11
C TYR B 35 -1.42 23.47 6.11
N GLY B 36 -2.05 23.41 4.94
CA GLY B 36 -3.46 23.72 4.81
C GLY B 36 -3.70 25.20 4.56
N SER B 37 -2.62 25.97 4.54
CA SER B 37 -2.70 27.40 4.29
C SER B 37 -3.16 27.68 2.86
N LYS B 38 -2.74 26.83 1.93
CA LYS B 38 -3.16 26.94 0.54
C LYS B 38 -4.62 26.52 0.38
N LYS B 39 -5.42 27.38 -0.26
CA LYS B 39 -6.82 27.10 -0.45
C LYS B 39 -7.04 26.05 -1.54
N ASP B 40 -6.76 24.79 -1.21
CA ASP B 40 -6.95 23.69 -2.13
C ASP B 40 -8.15 22.85 -1.71
N ASP B 41 -9.28 23.06 -2.38
CA ASP B 41 -10.51 22.34 -2.04
C ASP B 41 -10.42 20.86 -2.34
N TYR B 42 -9.69 20.51 -3.40
CA TYR B 42 -9.56 19.11 -3.79
C TYR B 42 -8.85 18.29 -2.73
N GLU B 43 -7.68 18.77 -2.29
CA GLU B 43 -6.88 18.05 -1.31
C GLU B 43 -7.60 17.95 0.03
N TYR B 44 -8.36 18.98 0.37
CA TYR B 44 -9.11 18.99 1.62
C TYR B 44 -10.15 17.87 1.64
N CYS B 45 -10.95 17.80 0.59
CA CYS B 45 -12.01 16.81 0.49
C CYS B 45 -11.45 15.38 0.47
N MET B 46 -10.33 15.21 -0.22
CA MET B 46 -9.70 13.89 -0.34
C MET B 46 -9.27 13.33 1.01
N SER B 47 -8.75 14.19 1.87
CA SER B 47 -8.18 13.74 3.14
C SER B 47 -9.04 14.09 4.34
N GLU B 48 -10.28 14.52 4.10
CA GLU B 48 -11.13 14.94 5.21
C GLU B 48 -11.68 13.74 5.97
N TYR B 49 -11.65 12.56 5.35
CA TYR B 49 -12.18 11.36 5.98
C TYR B 49 -11.32 10.91 7.15
N LEU B 50 -10.15 11.53 7.30
CA LEU B 50 -9.27 11.24 8.43
C LEU B 50 -8.67 12.52 9.00
N ARG B 51 -9.37 13.64 8.80
CA ARG B 51 -8.84 14.95 9.18
C ARG B 51 -8.53 15.04 10.67
N MET B 52 -9.40 14.50 11.51
CA MET B 52 -9.20 14.54 12.96
C MET B 52 -7.88 13.90 13.36
N SER B 53 -7.58 12.75 12.75
CA SER B 53 -6.29 12.08 12.98
C SER B 53 -5.15 12.91 12.43
N GLY B 54 -5.42 13.63 11.34
CA GLY B 54 -4.44 14.51 10.73
C GLY B 54 -4.07 15.65 11.66
N ILE B 55 -5.07 16.20 12.35
CA ILE B 55 -4.83 17.24 13.33
C ILE B 55 -3.92 16.72 14.43
N TYR B 56 -4.23 15.51 14.91
CA TYR B 56 -3.47 14.86 15.97
C TYR B 56 -2.00 14.69 15.60
N TRP B 57 -1.75 14.24 14.38
CA TRP B 57 -0.38 14.09 13.89
C TRP B 57 0.33 15.43 13.88
N GLY B 58 -0.37 16.45 13.40
CA GLY B 58 0.18 17.79 13.29
C GLY B 58 0.52 18.41 14.63
N LEU B 59 -0.41 18.33 15.57
CA LEU B 59 -0.21 18.96 16.88
C LEU B 59 0.86 18.25 17.69
N THR B 60 0.85 16.93 17.67
CA THR B 60 1.77 16.14 18.47
C THR B 60 3.22 16.35 18.03
N VAL B 61 3.46 16.43 16.73
CA VAL B 61 4.81 16.62 16.21
C VAL B 61 5.29 18.04 16.51
N MET B 62 4.37 18.98 16.64
CA MET B 62 4.72 20.35 17.00
C MET B 62 5.03 20.45 18.49
N ASP B 63 4.26 19.74 19.31
CA ASP B 63 4.47 19.73 20.75
C ASP B 63 5.79 19.04 21.09
N LEU B 64 6.12 18.00 20.32
CA LEU B 64 7.38 17.29 20.50
C LEU B 64 8.58 18.19 20.21
N MET B 65 8.37 19.17 19.34
CA MET B 65 9.41 20.15 19.02
C MET B 65 9.22 21.41 19.84
N GLY B 66 8.23 21.40 20.73
CA GLY B 66 7.95 22.53 21.60
C GLY B 66 7.45 23.75 20.84
N GLN B 67 6.67 23.52 19.79
CA GLN B 67 6.14 24.60 18.99
C GLN B 67 4.63 24.50 18.84
N LEU B 68 3.99 23.86 19.81
CA LEU B 68 2.54 23.67 19.80
C LEU B 68 1.80 25.01 19.81
N HIS B 69 2.45 26.03 20.36
CA HIS B 69 1.85 27.36 20.48
C HIS B 69 1.59 28.01 19.12
N ARG B 70 2.27 27.52 18.09
CA ARG B 70 2.10 28.06 16.75
C ARG B 70 0.79 27.59 16.10
N MET B 71 0.11 26.66 16.78
CA MET B 71 -1.15 26.12 16.28
C MET B 71 -2.34 26.81 16.93
N ASN B 72 -3.41 27.01 16.17
CA ASN B 72 -4.60 27.66 16.69
C ASN B 72 -5.36 26.74 17.64
N ARG B 73 -5.15 26.95 18.94
CA ARG B 73 -5.80 26.14 19.96
C ARG B 73 -7.31 26.24 19.91
N GLU B 74 -7.83 27.46 19.92
CA GLU B 74 -9.26 27.71 19.99
C GLU B 74 -10.04 27.16 18.80
N GLU B 75 -9.52 27.39 17.59
CA GLU B 75 -10.21 26.95 16.38
C GLU B 75 -10.36 25.42 16.32
N ILE B 76 -9.33 24.72 16.77
CA ILE B 76 -9.34 23.27 16.78
C ILE B 76 -10.29 22.71 17.84
N LEU B 77 -10.25 23.32 19.03
CA LEU B 77 -11.13 22.90 20.13
C LEU B 77 -12.60 23.03 19.77
N ALA B 78 -12.92 24.01 18.94
CA ALA B 78 -14.28 24.20 18.46
C ALA B 78 -14.64 23.11 17.46
N PHE B 79 -13.70 22.81 16.57
CA PHE B 79 -13.87 21.76 15.56
C PHE B 79 -14.17 20.42 16.20
N ILE B 80 -13.43 20.09 17.26
CA ILE B 80 -13.59 18.81 17.95
C ILE B 80 -14.95 18.70 18.62
N LYS B 81 -15.40 19.80 19.24
CA LYS B 81 -16.69 19.81 19.94
C LYS B 81 -17.83 19.66 18.94
N SER B 82 -17.61 20.12 17.72
CA SER B 82 -18.60 20.00 16.66
C SER B 82 -18.65 18.58 16.12
N CYS B 83 -17.56 17.84 16.29
CA CYS B 83 -17.44 16.50 15.71
C CYS B 83 -17.97 15.40 16.64
N GLN B 84 -18.48 15.79 17.80
CA GLN B 84 -19.11 14.81 18.68
C GLN B 84 -20.57 14.65 18.33
N HIS B 85 -21.05 13.41 18.36
CA HIS B 85 -22.41 13.11 17.96
C HIS B 85 -23.29 12.69 19.15
N GLU B 86 -24.57 12.46 18.89
CA GLU B 86 -25.52 12.07 19.91
C GLU B 86 -25.12 10.76 20.60
N CYS B 87 -24.55 9.84 19.83
CA CYS B 87 -24.13 8.55 20.35
C CYS B 87 -22.85 8.66 21.16
N GLY B 88 -22.25 9.85 21.15
CA GLY B 88 -21.06 10.11 21.95
C GLY B 88 -19.77 10.02 21.16
N GLY B 89 -19.81 9.29 20.05
CA GLY B 89 -18.64 9.10 19.22
C GLY B 89 -18.21 10.37 18.50
N ILE B 90 -16.92 10.47 18.20
CA ILE B 90 -16.38 11.61 17.48
C ILE B 90 -16.02 11.22 16.05
N SER B 91 -16.47 12.01 15.08
CA SER B 91 -16.19 11.76 13.69
C SER B 91 -14.85 12.36 13.27
N ALA B 92 -14.42 12.02 12.07
CA ALA B 92 -13.16 12.53 11.53
C ALA B 92 -13.26 14.03 11.22
N SER B 93 -14.46 14.46 10.87
CA SER B 93 -14.71 15.86 10.57
C SER B 93 -16.20 16.17 10.73
N ILE B 94 -16.54 17.46 10.65
CA ILE B 94 -17.93 17.88 10.77
C ILE B 94 -18.78 17.29 9.65
N GLY B 95 -19.84 16.58 10.04
CA GLY B 95 -20.73 15.96 9.06
C GLY B 95 -20.50 14.47 8.90
N HIS B 96 -19.24 14.07 9.03
CA HIS B 96 -18.86 12.66 8.87
C HIS B 96 -19.44 11.80 9.99
N ASP B 97 -19.39 10.49 9.81
CA ASP B 97 -19.90 9.57 10.81
C ASP B 97 -18.87 9.31 11.91
N PRO B 98 -19.34 9.06 13.14
CA PRO B 98 -18.44 8.80 14.26
C PRO B 98 -17.70 7.47 14.09
N HIS B 99 -16.46 7.41 14.57
CA HIS B 99 -15.68 6.19 14.50
C HIS B 99 -14.68 6.14 15.65
N LEU B 100 -14.32 4.93 16.08
CA LEU B 100 -13.45 4.75 17.22
C LEU B 100 -12.06 5.32 16.99
N LEU B 101 -11.63 5.31 15.73
CA LEU B 101 -10.33 5.86 15.36
C LEU B 101 -10.22 7.34 15.71
N TYR B 102 -11.16 8.12 15.20
CA TYR B 102 -11.11 9.56 15.35
C TYR B 102 -11.63 9.98 16.72
N THR B 103 -12.26 9.04 17.42
CA THR B 103 -12.61 9.24 18.81
C THR B 103 -11.33 9.28 19.65
N LEU B 104 -10.40 8.38 19.33
CA LEU B 104 -9.11 8.34 20.01
C LEU B 104 -8.27 9.56 19.68
N SER B 105 -8.25 9.92 18.39
CA SER B 105 -7.49 11.09 17.95
C SER B 105 -7.97 12.35 18.65
N ALA B 106 -9.29 12.52 18.74
CA ALA B 106 -9.88 13.68 19.39
C ALA B 106 -9.47 13.77 20.86
N VAL B 107 -9.57 12.66 21.58
CA VAL B 107 -9.20 12.61 22.99
C VAL B 107 -7.72 12.92 23.16
N GLN B 108 -6.90 12.38 22.25
CA GLN B 108 -5.46 12.64 22.27
C GLN B 108 -5.16 14.13 22.13
N ILE B 109 -5.90 14.80 21.24
CA ILE B 109 -5.73 16.23 21.04
C ILE B 109 -6.15 17.01 22.27
N LEU B 110 -7.32 16.69 22.81
CA LEU B 110 -7.84 17.36 23.99
C LEU B 110 -6.92 17.18 25.19
N THR B 111 -6.20 16.06 25.22
CA THR B 111 -5.25 15.79 26.29
C THR B 111 -4.02 16.68 26.15
N LEU B 112 -3.58 16.86 24.91
CA LEU B 112 -2.44 17.74 24.63
C LEU B 112 -2.75 19.17 25.07
N TYR B 113 -3.99 19.59 24.86
CA TYR B 113 -4.41 20.96 25.18
C TYR B 113 -5.02 21.06 26.57
N ASP B 114 -5.05 19.95 27.30
CA ASP B 114 -5.64 19.87 28.63
C ASP B 114 -7.05 20.46 28.65
N SER B 115 -7.94 19.86 27.84
CA SER B 115 -9.31 20.34 27.74
C SER B 115 -10.23 19.22 27.27
N ILE B 116 -10.28 18.14 28.03
CA ILE B 116 -11.13 17.00 27.69
C ILE B 116 -12.58 17.29 28.07
N ASN B 117 -12.81 18.40 28.76
CA ASN B 117 -14.14 18.78 29.21
C ASN B 117 -14.93 19.51 28.13
N VAL B 118 -14.25 19.85 27.04
CA VAL B 118 -14.90 20.44 25.88
C VAL B 118 -15.88 19.42 25.29
N ILE B 119 -15.62 18.15 25.55
CA ILE B 119 -16.43 17.05 25.06
C ILE B 119 -17.10 16.29 26.20
N ASP B 120 -18.33 15.84 25.99
CA ASP B 120 -19.00 14.96 26.95
C ASP B 120 -18.18 13.69 27.14
N VAL B 121 -17.40 13.65 28.22
CA VAL B 121 -16.52 12.51 28.50
C VAL B 121 -17.33 11.24 28.76
N ASN B 122 -18.42 11.38 29.49
CA ASN B 122 -19.26 10.24 29.85
C ASN B 122 -19.85 9.54 28.61
N LYS B 123 -20.22 10.33 27.62
CA LYS B 123 -20.78 9.79 26.38
C LYS B 123 -19.72 9.05 25.57
N VAL B 124 -18.48 9.54 25.60
CA VAL B 124 -17.38 8.90 24.90
C VAL B 124 -17.15 7.50 25.47
N VAL B 125 -17.20 7.40 26.80
CA VAL B 125 -17.05 6.11 27.47
C VAL B 125 -18.16 5.15 27.06
N GLU B 126 -19.38 5.68 26.96
CA GLU B 126 -20.53 4.87 26.56
C GLU B 126 -20.40 4.39 25.11
N TYR B 127 -19.88 5.26 24.25
CA TYR B 127 -19.70 4.92 22.83
C TYR B 127 -18.69 3.80 22.67
N VAL B 128 -17.56 3.91 23.36
CA VAL B 128 -16.51 2.91 23.28
C VAL B 128 -16.96 1.58 23.86
N LYS B 129 -17.63 1.63 25.01
CA LYS B 129 -18.15 0.43 25.66
C LYS B 129 -19.12 -0.33 24.76
N GLY B 130 -19.93 0.42 24.02
CA GLY B 130 -20.91 -0.17 23.13
C GLY B 130 -20.33 -0.64 21.81
N LEU B 131 -19.02 -0.80 21.77
CA LEU B 131 -18.35 -1.30 20.57
C LEU B 131 -17.71 -2.66 20.82
N GLN B 132 -17.70 -3.08 22.08
CA GLN B 132 -17.11 -4.36 22.44
C GLN B 132 -18.09 -5.51 22.21
N LYS B 133 -17.61 -6.58 21.59
CA LYS B 133 -18.43 -7.75 21.32
C LYS B 133 -18.30 -8.77 22.44
N GLU B 134 -18.97 -9.90 22.29
CA GLU B 134 -18.98 -10.93 23.32
C GLU B 134 -17.62 -11.61 23.47
N ASP B 135 -16.87 -11.70 22.37
CA ASP B 135 -15.58 -12.36 22.37
C ASP B 135 -14.47 -11.44 22.88
N GLY B 136 -14.84 -10.22 23.27
CA GLY B 136 -13.88 -9.27 23.80
C GLY B 136 -13.28 -8.38 22.74
N SER B 137 -13.62 -8.64 21.49
CA SER B 137 -13.12 -7.84 20.37
C SER B 137 -13.81 -6.48 20.33
N PHE B 138 -13.26 -5.56 19.55
CA PHE B 138 -13.84 -4.23 19.41
C PHE B 138 -14.11 -3.89 17.96
N ALA B 139 -15.22 -3.20 17.71
CA ALA B 139 -15.58 -2.78 16.36
C ALA B 139 -15.23 -1.32 16.13
N GLY B 140 -15.01 -0.96 14.88
CA GLY B 140 -14.67 0.41 14.52
C GLY B 140 -15.83 1.36 14.79
N ASP B 141 -17.01 0.96 14.33
CA ASP B 141 -18.24 1.70 14.60
C ASP B 141 -19.41 0.75 14.76
N ILE B 142 -20.62 1.25 14.49
CA ILE B 142 -21.82 0.44 14.69
C ILE B 142 -22.00 -0.60 13.58
N TRP B 143 -21.09 -0.62 12.61
CA TRP B 143 -21.21 -1.52 11.48
C TRP B 143 -20.41 -2.81 11.69
N GLY B 144 -19.68 -2.87 12.80
CA GLY B 144 -19.13 -4.13 13.29
C GLY B 144 -17.82 -4.63 12.70
N GLU B 145 -17.04 -3.76 12.06
CA GLU B 145 -15.74 -4.16 11.54
C GLU B 145 -14.77 -4.47 12.67
N ILE B 146 -14.25 -5.69 12.69
CA ILE B 146 -13.36 -6.13 13.77
C ILE B 146 -11.89 -6.01 13.40
N ASP B 147 -11.13 -5.37 14.28
CA ASP B 147 -9.70 -5.18 14.07
C ASP B 147 -8.99 -4.98 15.42
N THR B 148 -7.74 -5.38 15.49
CA THR B 148 -6.95 -5.22 16.71
C THR B 148 -6.60 -3.76 16.95
N ARG B 149 -6.67 -2.96 15.89
CA ARG B 149 -6.47 -1.52 16.02
C ARG B 149 -7.53 -0.93 16.93
N PHE B 150 -8.75 -1.44 16.79
CA PHE B 150 -9.88 -0.94 17.55
C PHE B 150 -9.82 -1.38 19.01
N SER B 151 -9.17 -2.51 19.24
CA SER B 151 -8.93 -2.99 20.60
C SER B 151 -7.97 -2.04 21.30
N PHE B 152 -7.02 -1.50 20.54
CA PHE B 152 -6.06 -0.55 21.07
C PHE B 152 -6.70 0.84 21.24
N CYS B 153 -7.37 1.30 20.19
CA CYS B 153 -8.02 2.61 20.22
C CYS B 153 -9.01 2.72 21.37
N ALA B 154 -9.63 1.59 21.71
CA ALA B 154 -10.58 1.55 22.82
C ALA B 154 -9.90 1.85 24.14
N VAL B 155 -8.95 1.00 24.52
CA VAL B 155 -8.30 1.13 25.83
C VAL B 155 -7.42 2.38 25.91
N ALA B 156 -6.93 2.84 24.76
CA ALA B 156 -6.11 4.05 24.73
C ALA B 156 -6.97 5.27 25.02
N THR B 157 -8.20 5.26 24.51
CA THR B 157 -9.16 6.32 24.75
C THR B 157 -9.59 6.34 26.22
N LEU B 158 -9.95 5.16 26.73
CA LEU B 158 -10.45 5.04 28.09
C LEU B 158 -9.38 5.35 29.13
N ALA B 159 -8.14 4.95 28.85
CA ALA B 159 -7.03 5.20 29.77
C ALA B 159 -6.80 6.70 29.95
N LEU B 160 -6.93 7.45 28.86
CA LEU B 160 -6.75 8.90 28.91
C LEU B 160 -7.93 9.57 29.60
N LEU B 161 -9.01 8.81 29.78
CA LEU B 161 -10.20 9.31 30.46
C LEU B 161 -10.33 8.69 31.85
N GLY B 162 -9.41 7.79 32.18
CA GLY B 162 -9.42 7.10 33.46
C GLY B 162 -10.64 6.21 33.62
N LYS B 163 -11.04 5.57 32.53
CA LYS B 163 -12.22 4.71 32.54
C LYS B 163 -11.94 3.38 31.86
N LEU B 164 -10.83 2.75 32.22
CA LEU B 164 -10.43 1.48 31.63
C LEU B 164 -11.33 0.33 32.09
N ASP B 165 -11.77 0.40 33.34
CA ASP B 165 -12.58 -0.67 33.92
C ASP B 165 -14.02 -0.67 33.41
N ALA B 166 -14.35 0.29 32.57
CA ALA B 166 -15.70 0.39 32.00
C ALA B 166 -16.01 -0.82 31.12
N ILE B 167 -15.04 -1.23 30.32
CA ILE B 167 -15.20 -2.37 29.43
C ILE B 167 -14.81 -3.67 30.12
N ASN B 168 -15.13 -4.79 29.48
CA ASN B 168 -14.70 -6.10 29.98
C ASN B 168 -13.23 -6.31 29.69
N VAL B 169 -12.38 -5.84 30.60
CA VAL B 169 -10.93 -5.88 30.42
C VAL B 169 -10.41 -7.30 30.24
N GLU B 170 -10.86 -8.20 31.10
CA GLU B 170 -10.39 -9.60 31.07
C GLU B 170 -10.71 -10.28 29.75
N LYS B 171 -11.88 -9.97 29.19
CA LYS B 171 -12.31 -10.58 27.94
C LYS B 171 -11.66 -9.91 26.73
N ALA B 172 -11.33 -8.62 26.89
CA ALA B 172 -10.66 -7.89 25.83
C ALA B 172 -9.25 -8.42 25.61
N ILE B 173 -8.56 -8.68 26.71
CA ILE B 173 -7.21 -9.25 26.68
C ILE B 173 -7.24 -10.64 26.08
N GLU B 174 -8.31 -11.38 26.38
CA GLU B 174 -8.49 -12.74 25.89
C GLU B 174 -8.52 -12.79 24.36
N PHE B 175 -9.12 -11.78 23.74
CA PHE B 175 -9.24 -11.74 22.29
C PHE B 175 -7.92 -11.37 21.61
N VAL B 176 -7.23 -10.37 22.16
CA VAL B 176 -5.97 -9.91 21.58
C VAL B 176 -4.93 -11.01 21.56
N LEU B 177 -4.86 -11.77 22.64
CA LEU B 177 -3.93 -12.89 22.74
C LEU B 177 -4.28 -13.99 21.74
N SER B 178 -5.53 -14.00 21.28
CA SER B 178 -5.96 -14.97 20.28
C SER B 178 -5.58 -14.51 18.87
N CYS B 179 -4.94 -13.35 18.79
CA CYS B 179 -4.48 -12.82 17.51
C CYS B 179 -2.97 -12.95 17.37
N MET B 180 -2.33 -13.47 18.41
CA MET B 180 -0.89 -13.69 18.39
C MET B 180 -0.55 -14.88 17.50
N ASN B 181 0.30 -14.66 16.51
CA ASN B 181 0.71 -15.72 15.59
C ASN B 181 1.91 -16.48 16.13
N PHE B 182 2.25 -17.58 15.47
CA PHE B 182 3.34 -18.44 15.93
C PHE B 182 4.69 -17.74 15.84
N ASP B 183 4.82 -16.78 14.93
CA ASP B 183 6.06 -16.03 14.77
C ASP B 183 6.21 -14.98 15.87
N GLY B 184 5.18 -14.83 16.69
CA GLY B 184 5.21 -13.90 17.81
C GLY B 184 4.53 -12.58 17.50
N GLY B 185 4.20 -12.36 16.24
CA GLY B 185 3.60 -11.12 15.82
C GLY B 185 2.09 -11.10 15.98
N PHE B 186 1.48 -10.00 15.56
CA PHE B 186 0.02 -9.84 15.63
C PHE B 186 -0.53 -9.36 14.29
N GLY B 187 -1.79 -9.68 14.03
CA GLY B 187 -2.46 -9.22 12.83
C GLY B 187 -3.67 -8.38 13.20
N CYS B 188 -4.55 -8.15 12.23
CA CYS B 188 -5.77 -7.40 12.48
C CYS B 188 -6.84 -8.32 13.07
N ARG B 189 -6.81 -9.58 12.65
CA ARG B 189 -7.76 -10.58 13.12
C ARG B 189 -7.03 -11.90 13.40
N PRO B 190 -7.66 -12.82 14.13
CA PRO B 190 -7.03 -14.13 14.33
C PRO B 190 -6.78 -14.84 13.00
N GLY B 191 -5.54 -15.19 12.74
CA GLY B 191 -5.17 -15.87 11.51
C GLY B 191 -4.66 -14.93 10.44
N SER B 192 -4.43 -13.67 10.82
CA SER B 192 -3.92 -12.68 9.90
C SER B 192 -2.39 -12.70 9.83
N GLU B 193 -1.85 -12.19 8.73
CA GLU B 193 -0.41 -12.05 8.57
C GLU B 193 0.11 -11.02 9.58
N SER B 194 1.24 -11.32 10.21
CA SER B 194 1.84 -10.42 11.18
C SER B 194 2.21 -9.09 10.54
N HIS B 195 1.82 -7.99 11.19
CA HIS B 195 2.04 -6.65 10.67
C HIS B 195 2.56 -5.75 11.78
N ALA B 196 3.64 -5.04 11.52
CA ALA B 196 4.30 -4.20 12.51
C ALA B 196 3.35 -3.17 13.11
N GLY B 197 2.46 -2.63 12.28
CA GLY B 197 1.45 -1.69 12.73
C GLY B 197 0.47 -2.35 13.68
N GLN B 198 0.01 -3.54 13.32
CA GLN B 198 -0.92 -4.29 14.15
C GLN B 198 -0.25 -4.73 15.45
N ILE B 199 1.06 -5.00 15.37
CA ILE B 199 1.84 -5.37 16.54
C ILE B 199 1.91 -4.21 17.54
N TYR B 200 2.07 -3.00 17.02
CA TYR B 200 2.08 -1.80 17.85
C TYR B 200 0.80 -1.68 18.67
N CYS B 201 -0.34 -1.90 18.01
CA CYS B 201 -1.64 -1.81 18.67
C CYS B 201 -1.77 -2.82 19.80
N CYS B 202 -1.36 -4.06 19.53
CA CYS B 202 -1.52 -5.14 20.50
C CYS B 202 -0.54 -5.01 21.67
N THR B 203 0.71 -4.69 21.37
CA THR B 203 1.70 -4.47 22.41
C THR B 203 1.32 -3.24 23.25
N GLY B 204 0.74 -2.25 22.58
CA GLY B 204 0.24 -1.07 23.27
C GLY B 204 -0.97 -1.42 24.13
N PHE B 205 -1.81 -2.29 23.60
CA PHE B 205 -2.99 -2.77 24.32
C PHE B 205 -2.58 -3.49 25.60
N LEU B 206 -1.70 -4.47 25.45
CA LEU B 206 -1.26 -5.29 26.58
C LEU B 206 -0.48 -4.48 27.60
N ALA B 207 0.17 -3.40 27.14
CA ALA B 207 0.86 -2.50 28.05
C ALA B 207 -0.15 -1.78 28.95
N ILE B 208 -1.21 -1.29 28.32
CA ILE B 208 -2.28 -0.59 29.05
C ILE B 208 -3.01 -1.52 30.00
N THR B 209 -3.33 -2.72 29.51
CA THR B 209 -4.06 -3.70 30.31
C THR B 209 -3.13 -4.50 31.23
N SER B 210 -1.86 -4.10 31.27
CA SER B 210 -0.86 -4.73 32.14
C SER B 210 -0.76 -6.24 31.92
N GLN B 211 -0.48 -6.63 30.67
CA GLN B 211 -0.34 -8.03 30.33
C GLN B 211 0.87 -8.28 29.44
N LEU B 212 1.94 -7.51 29.67
CA LEU B 212 3.16 -7.64 28.89
C LEU B 212 3.88 -8.95 29.20
N HIS B 213 3.53 -9.56 30.33
CA HIS B 213 4.11 -10.85 30.71
C HIS B 213 3.56 -11.97 29.84
N GLN B 214 2.54 -11.65 29.04
CA GLN B 214 1.95 -12.61 28.10
C GLN B 214 2.69 -12.55 26.76
N VAL B 215 3.73 -11.74 26.68
CA VAL B 215 4.46 -11.53 25.44
C VAL B 215 5.89 -12.04 25.51
N ASN B 216 6.26 -12.89 24.56
CA ASN B 216 7.64 -13.34 24.43
C ASN B 216 8.49 -12.23 23.85
N SER B 217 9.18 -11.50 24.71
CA SER B 217 9.97 -10.35 24.29
C SER B 217 11.11 -10.74 23.36
N ASP B 218 11.68 -11.93 23.56
CA ASP B 218 12.76 -12.41 22.72
C ASP B 218 12.28 -12.75 21.32
N LEU B 219 11.19 -13.50 21.24
CA LEU B 219 10.66 -13.94 19.95
C LEU B 219 10.12 -12.77 19.13
N LEU B 220 9.27 -11.96 19.75
CA LEU B 220 8.67 -10.82 19.07
C LEU B 220 9.72 -9.78 18.72
N GLY B 221 10.65 -9.54 19.64
CA GLY B 221 11.73 -8.61 19.42
C GLY B 221 12.60 -9.03 18.25
N TRP B 222 12.74 -10.34 18.07
CA TRP B 222 13.49 -10.90 16.97
C TRP B 222 12.78 -10.58 15.64
N TRP B 223 11.47 -10.79 15.62
CA TRP B 223 10.66 -10.53 14.44
C TRP B 223 10.75 -9.06 14.04
N LEU B 224 10.76 -8.18 15.04
CA LEU B 224 10.77 -6.75 14.80
C LEU B 224 12.12 -6.26 14.29
N CYS B 225 13.20 -6.86 14.78
CA CYS B 225 14.54 -6.48 14.36
C CYS B 225 14.85 -6.97 12.94
N GLU B 226 14.06 -7.93 12.47
CA GLU B 226 14.21 -8.44 11.11
C GLU B 226 13.66 -7.43 10.10
N ARG B 227 12.99 -6.40 10.59
CA ARG B 227 12.42 -5.37 9.74
C ARG B 227 13.47 -4.39 9.26
N GLN B 228 14.60 -4.35 9.95
CA GLN B 228 15.67 -3.41 9.60
C GLN B 228 16.45 -3.91 8.39
N LEU B 229 16.58 -3.04 7.40
CA LEU B 229 17.27 -3.36 6.15
C LEU B 229 18.69 -2.78 6.16
N PRO B 230 19.56 -3.29 5.27
CA PRO B 230 20.93 -2.76 5.12
C PRO B 230 21.02 -1.23 5.04
N SER B 231 19.99 -0.59 4.49
CA SER B 231 19.96 0.87 4.43
C SER B 231 19.84 1.48 5.83
N GLY B 232 19.25 0.72 6.75
CA GLY B 232 19.05 1.18 8.11
C GLY B 232 17.58 1.40 8.41
N GLY B 233 16.78 1.57 7.36
CA GLY B 233 15.36 1.82 7.51
C GLY B 233 14.58 0.59 7.94
N LEU B 234 13.34 0.83 8.38
CA LEU B 234 12.48 -0.26 8.85
C LEU B 234 11.28 -0.42 7.93
N ASN B 235 10.80 -1.66 7.81
CA ASN B 235 9.54 -1.92 7.11
C ASN B 235 8.54 -2.60 8.04
N GLY B 236 7.35 -2.89 7.53
CA GLY B 236 6.32 -3.49 8.34
C GLY B 236 6.24 -5.00 8.21
N ARG B 237 6.58 -5.51 7.04
CA ARG B 237 6.50 -6.93 6.75
C ARG B 237 7.70 -7.37 5.90
N PRO B 238 7.98 -8.69 5.86
CA PRO B 238 9.08 -9.21 5.04
C PRO B 238 9.07 -8.74 3.58
N GLU B 239 10.24 -8.37 3.08
CA GLU B 239 10.42 -7.85 1.73
C GLU B 239 9.48 -6.72 1.40
N LYS B 240 9.45 -5.71 2.27
CA LYS B 240 8.75 -4.46 1.98
C LYS B 240 9.76 -3.33 2.02
N LEU B 241 9.55 -2.32 1.17
CA LEU B 241 10.42 -1.16 1.14
C LEU B 241 10.46 -0.48 2.50
N PRO B 242 11.62 0.07 2.88
CA PRO B 242 11.72 0.77 4.16
C PRO B 242 10.83 2.00 4.22
N ASP B 243 10.21 2.24 5.37
CA ASP B 243 9.30 3.36 5.55
C ASP B 243 9.55 4.02 6.89
N VAL B 244 9.46 5.35 6.93
CA VAL B 244 9.78 6.09 8.14
C VAL B 244 8.69 5.95 9.20
N CYS B 245 7.45 5.76 8.76
CA CYS B 245 6.35 5.59 9.71
C CYS B 245 6.55 4.29 10.49
N TYR B 246 7.16 3.30 9.85
CA TYR B 246 7.46 2.04 10.51
C TYR B 246 8.62 2.18 11.48
N SER B 247 9.32 3.31 11.41
CA SER B 247 10.37 3.60 12.39
C SER B 247 9.72 4.10 13.69
N TRP B 248 8.39 4.16 13.69
CA TRP B 248 7.64 4.35 14.93
C TRP B 248 6.99 3.06 15.37
N TRP B 249 6.26 2.42 14.45
CA TRP B 249 5.51 1.20 14.77
C TRP B 249 6.43 0.11 15.33
N VAL B 250 7.61 -0.02 14.74
CA VAL B 250 8.56 -1.04 15.17
C VAL B 250 9.27 -0.65 16.47
N LEU B 251 9.82 0.57 16.49
CA LEU B 251 10.57 1.04 17.65
C LEU B 251 9.70 1.11 18.91
N ALA B 252 8.48 1.61 18.79
CA ALA B 252 7.57 1.73 19.91
C ALA B 252 7.27 0.36 20.50
N SER B 253 7.09 -0.64 19.64
CA SER B 253 6.86 -2.00 20.08
C SER B 253 8.07 -2.54 20.83
N LEU B 254 9.25 -2.29 20.27
CA LEU B 254 10.51 -2.71 20.88
C LEU B 254 10.69 -2.12 22.27
N LYS B 255 10.39 -0.82 22.40
CA LYS B 255 10.54 -0.13 23.68
C LYS B 255 9.57 -0.68 24.71
N ILE B 256 8.38 -1.06 24.27
CA ILE B 256 7.36 -1.61 25.16
C ILE B 256 7.80 -2.97 25.69
N ILE B 257 8.24 -3.85 24.78
CA ILE B 257 8.66 -5.19 25.18
C ILE B 257 10.09 -5.21 25.71
N GLY B 258 10.73 -4.05 25.68
CA GLY B 258 12.08 -3.90 26.23
C GLY B 258 13.16 -4.53 25.38
N ARG B 259 13.11 -4.26 24.07
CA ARG B 259 14.11 -4.79 23.14
C ARG B 259 14.59 -3.71 22.17
N LEU B 260 14.46 -2.45 22.58
CA LEU B 260 14.84 -1.33 21.72
C LEU B 260 16.34 -1.29 21.49
N HIS B 261 17.12 -1.74 22.48
CA HIS B 261 18.57 -1.68 22.40
C HIS B 261 19.13 -2.60 21.32
N TRP B 262 18.33 -3.58 20.90
CA TRP B 262 18.74 -4.51 19.85
C TRP B 262 18.87 -3.82 18.50
N ILE B 263 18.10 -2.77 18.29
CA ILE B 263 18.07 -2.08 17.00
C ILE B 263 19.39 -1.36 16.73
N ASP B 264 19.64 -1.03 15.47
CA ASP B 264 20.82 -0.29 15.08
C ASP B 264 20.51 1.20 15.05
N ARG B 265 20.92 1.91 16.09
CA ARG B 265 20.57 3.32 16.29
C ARG B 265 21.01 4.23 15.15
N GLU B 266 22.31 4.31 14.90
CA GLU B 266 22.86 5.27 13.96
C GLU B 266 22.39 5.06 12.52
N LYS B 267 22.38 3.80 12.08
CA LYS B 267 21.97 3.48 10.72
C LYS B 267 20.52 3.85 10.46
N LEU B 268 19.66 3.60 11.45
CA LEU B 268 18.25 3.95 11.34
C LEU B 268 18.08 5.47 11.38
N ARG B 269 18.85 6.13 12.24
CA ARG B 269 18.80 7.58 12.35
C ARG B 269 19.17 8.25 11.04
N ASN B 270 20.22 7.74 10.39
CA ASN B 270 20.66 8.30 9.12
C ASN B 270 19.65 8.06 8.00
N PHE B 271 18.82 7.04 8.14
CA PHE B 271 17.75 6.78 7.19
C PHE B 271 16.64 7.80 7.37
N ILE B 272 16.20 7.99 8.62
CA ILE B 272 15.14 8.93 8.93
C ILE B 272 15.48 10.35 8.50
N LEU B 273 16.71 10.77 8.80
CA LEU B 273 17.16 12.10 8.42
C LEU B 273 17.27 12.25 6.90
N ALA B 274 17.53 11.15 6.22
CA ALA B 274 17.66 11.16 4.76
C ALA B 274 16.29 11.36 4.10
N CYS B 275 15.22 11.16 4.86
CA CYS B 275 13.87 11.29 4.33
C CYS B 275 13.31 12.69 4.54
N GLN B 276 14.16 13.60 5.00
CA GLN B 276 13.78 14.99 5.17
C GLN B 276 13.71 15.70 3.83
N ASP B 277 13.11 16.89 3.83
CA ASP B 277 13.11 17.74 2.65
C ASP B 277 13.83 19.05 2.99
N GLU B 278 15.01 19.24 2.42
CA GLU B 278 15.84 20.40 2.72
C GLU B 278 15.16 21.71 2.35
N GLU B 279 14.31 21.66 1.33
CA GLU B 279 13.64 22.87 0.84
C GLU B 279 12.35 23.16 1.59
N THR B 280 11.43 22.21 1.59
CA THR B 280 10.11 22.42 2.17
C THR B 280 10.05 22.06 3.65
N GLY B 281 10.66 20.93 4.01
CA GLY B 281 10.57 20.42 5.36
C GLY B 281 9.64 19.23 5.42
N GLY B 282 9.51 18.63 6.60
CA GLY B 282 8.69 17.45 6.77
C GLY B 282 9.36 16.19 6.28
N PHE B 283 8.78 15.05 6.59
CA PHE B 283 9.36 13.75 6.21
C PHE B 283 8.54 13.05 5.14
N ALA B 284 9.23 12.39 4.22
CA ALA B 284 8.57 11.50 3.27
C ALA B 284 8.73 10.07 3.76
N ASP B 285 8.14 9.11 3.06
CA ASP B 285 8.28 7.71 3.45
C ASP B 285 9.65 7.19 3.05
N ARG B 286 10.18 7.72 1.95
CA ARG B 286 11.51 7.36 1.46
C ARG B 286 12.21 8.63 0.99
N PRO B 287 13.56 8.62 0.97
CA PRO B 287 14.29 9.81 0.53
C PRO B 287 13.97 10.22 -0.91
N GLY B 288 13.45 11.42 -1.09
CA GLY B 288 13.17 11.94 -2.42
C GLY B 288 11.70 11.92 -2.81
N ASP B 289 10.84 11.49 -1.88
CA ASP B 289 9.41 11.43 -2.16
C ASP B 289 8.66 12.62 -1.57
N MET B 290 7.37 12.71 -1.88
CA MET B 290 6.52 13.78 -1.37
C MET B 290 6.32 13.63 0.14
N VAL B 291 6.46 14.74 0.86
CA VAL B 291 6.29 14.74 2.30
C VAL B 291 4.84 14.95 2.70
N ASP B 292 4.51 14.59 3.93
CA ASP B 292 3.17 14.77 4.48
C ASP B 292 3.22 14.71 6.00
N PRO B 293 2.28 15.39 6.68
CA PRO B 293 2.22 15.45 8.14
C PRO B 293 2.29 14.08 8.82
N PHE B 294 1.74 13.06 8.17
CA PHE B 294 1.74 11.70 8.70
C PHE B 294 3.17 11.22 8.96
N HIS B 295 3.97 11.14 7.90
CA HIS B 295 5.33 10.65 8.02
C HIS B 295 6.24 11.60 8.80
N THR B 296 5.83 12.86 8.88
CA THR B 296 6.61 13.86 9.61
C THR B 296 6.58 13.57 11.11
N LEU B 297 5.42 13.19 11.62
CA LEU B 297 5.28 12.86 13.03
C LEU B 297 6.10 11.63 13.42
N PHE B 298 5.89 10.54 12.70
CA PHE B 298 6.52 9.27 13.04
C PHE B 298 8.02 9.28 12.76
N GLY B 299 8.46 10.22 11.94
CA GLY B 299 9.89 10.42 11.72
C GLY B 299 10.49 11.06 12.97
N ILE B 300 9.85 12.13 13.43
CA ILE B 300 10.27 12.84 14.64
C ILE B 300 10.15 11.95 15.87
N ALA B 301 9.02 11.27 15.98
CA ALA B 301 8.77 10.38 17.12
C ALA B 301 9.79 9.26 17.18
N GLY B 302 10.19 8.76 16.02
CA GLY B 302 11.20 7.72 15.93
C GLY B 302 12.55 8.18 16.43
N LEU B 303 12.95 9.38 16.02
CA LEU B 303 14.21 9.97 16.46
C LEU B 303 14.22 10.20 17.96
N SER B 304 13.07 10.60 18.50
CA SER B 304 12.93 10.87 19.92
C SER B 304 13.14 9.60 20.75
N LEU B 305 12.64 8.48 20.25
CA LEU B 305 12.83 7.19 20.91
C LEU B 305 14.30 6.79 20.87
N LEU B 306 14.98 7.13 19.78
CA LEU B 306 16.39 6.79 19.60
C LEU B 306 17.28 7.64 20.51
N GLY B 307 16.71 8.72 21.05
CA GLY B 307 17.42 9.54 22.01
C GLY B 307 17.82 10.91 21.48
N GLU B 308 17.03 11.44 20.57
CA GLU B 308 17.28 12.78 20.05
C GLU B 308 16.95 13.81 21.12
N GLU B 309 17.97 14.55 21.57
CA GLU B 309 17.82 15.44 22.72
C GLU B 309 17.11 16.75 22.35
N GLN B 310 17.03 17.05 21.06
CA GLN B 310 16.35 18.25 20.61
C GLN B 310 14.84 18.06 20.55
N ILE B 311 14.42 16.81 20.74
CA ILE B 311 13.00 16.47 20.70
C ILE B 311 12.53 15.93 22.05
N LYS B 312 11.34 16.35 22.47
CA LYS B 312 10.76 15.88 23.72
C LYS B 312 10.61 14.36 23.73
N PRO B 313 10.92 13.72 24.87
CA PRO B 313 10.72 12.29 25.06
C PRO B 313 9.27 11.89 24.79
N VAL B 314 9.07 10.95 23.87
CA VAL B 314 7.73 10.54 23.48
C VAL B 314 7.36 9.21 24.12
N ASN B 315 6.13 9.12 24.60
CA ASN B 315 5.62 7.88 25.18
C ASN B 315 5.33 6.86 24.09
N PRO B 316 5.93 5.66 24.20
CA PRO B 316 5.86 4.62 23.17
C PRO B 316 4.47 4.01 23.02
N VAL B 317 3.59 4.23 23.99
CA VAL B 317 2.26 3.63 23.95
C VAL B 317 1.23 4.54 23.29
N PHE B 318 1.17 5.80 23.74
CA PHE B 318 0.14 6.72 23.27
C PHE B 318 0.62 7.68 22.19
N CYS B 319 1.91 7.59 21.85
CA CYS B 319 2.53 8.47 20.87
C CYS B 319 2.29 9.95 21.20
N MET B 320 2.59 10.32 22.44
CA MET B 320 2.42 11.69 22.90
C MET B 320 3.61 12.07 23.77
N PRO B 321 3.90 13.39 23.87
CA PRO B 321 4.97 13.85 24.76
C PRO B 321 4.79 13.35 26.19
N GLU B 322 5.87 12.84 26.79
CA GLU B 322 5.80 12.25 28.11
C GLU B 322 5.26 13.21 29.16
N GLU B 323 5.63 14.49 29.03
CA GLU B 323 5.19 15.51 29.98
C GLU B 323 3.67 15.66 29.97
N VAL B 324 3.06 15.38 28.82
CA VAL B 324 1.61 15.47 28.68
C VAL B 324 0.94 14.29 29.40
N LEU B 325 1.56 13.13 29.29
CA LEU B 325 1.03 11.93 29.92
C LEU B 325 1.42 11.84 31.40
N GLN B 326 2.35 12.69 31.81
CA GLN B 326 2.71 12.79 33.22
C GLN B 326 1.64 13.56 33.98
N ARG B 327 1.04 14.54 33.30
CA ARG B 327 0.02 15.38 33.91
C ARG B 327 -1.27 14.61 34.17
N VAL B 328 -1.59 13.68 33.27
CA VAL B 328 -2.83 12.92 33.38
C VAL B 328 -2.64 11.61 34.14
N ASN B 329 -1.43 11.40 34.65
CA ASN B 329 -1.08 10.21 35.42
C ASN B 329 -1.36 8.90 34.67
N VAL B 330 -1.10 8.90 33.36
CA VAL B 330 -1.26 7.71 32.55
C VAL B 330 0.05 7.34 31.87
N GLN B 331 0.82 6.50 32.53
CA GLN B 331 2.09 6.01 31.98
C GLN B 331 2.28 4.54 32.29
N PRO B 332 1.83 3.67 31.38
CA PRO B 332 1.88 2.21 31.54
C PRO B 332 3.28 1.70 31.83
N GLU B 333 3.40 0.74 32.74
CA GLU B 333 4.69 0.15 33.05
C GLU B 333 5.15 -0.72 31.90
N LEU B 334 6.39 -0.53 31.46
CA LEU B 334 6.93 -1.29 30.34
C LEU B 334 7.82 -2.41 30.83
N VAL B 335 8.35 -3.20 29.89
CA VAL B 335 9.27 -4.28 30.22
C VAL B 335 10.66 -3.72 30.49
N SER B 336 11.19 -4.01 31.68
CA SER B 336 12.51 -3.53 32.07
C SER B 336 13.62 -4.30 31.36
N MET C 1 7.76 -11.43 -11.32
CA MET C 1 8.45 -11.96 -12.49
C MET C 1 7.81 -11.46 -13.78
N LYS C 2 8.27 -10.30 -14.25
CA LYS C 2 7.70 -9.69 -15.45
C LYS C 2 8.74 -9.02 -16.33
N LEU C 3 8.53 -9.08 -17.64
CA LEU C 3 9.36 -8.36 -18.60
C LEU C 3 8.55 -7.25 -19.26
N TYR C 4 9.03 -6.02 -19.13
CA TYR C 4 8.30 -4.86 -19.61
C TYR C 4 8.76 -4.42 -21.01
N SER C 5 10.06 -4.22 -21.16
CA SER C 5 10.61 -3.75 -22.43
C SER C 5 11.73 -4.65 -22.95
N LEU C 6 11.88 -4.70 -24.26
CA LEU C 6 12.96 -5.44 -24.90
C LEU C 6 13.25 -4.84 -26.27
N SER C 7 14.29 -4.02 -26.35
CA SER C 7 14.59 -3.30 -27.58
C SER C 7 16.04 -3.50 -28.03
N VAL C 8 16.28 -3.31 -29.33
CA VAL C 8 17.62 -3.38 -29.89
C VAL C 8 17.97 -2.04 -30.52
N LEU C 9 19.08 -1.44 -30.06
CA LEU C 9 19.47 -0.11 -30.52
C LEU C 9 20.83 -0.13 -31.19
N TYR C 10 21.27 1.05 -31.63
CA TYR C 10 22.60 1.22 -32.20
C TYR C 10 23.20 2.56 -31.76
N LYS C 11 24.24 2.49 -30.94
CA LYS C 11 24.88 3.70 -30.46
C LYS C 11 25.81 4.30 -31.50
N GLY C 12 25.33 5.34 -32.17
CA GLY C 12 26.13 6.06 -33.15
C GLY C 12 26.99 7.12 -32.47
N GLU C 13 27.74 7.86 -33.26
CA GLU C 13 28.59 8.91 -32.72
C GLU C 13 27.80 10.20 -32.50
N ALA C 14 26.79 10.40 -33.34
CA ALA C 14 25.95 11.59 -33.24
C ALA C 14 24.75 11.34 -32.32
N LYS C 15 23.96 10.32 -32.65
CA LYS C 15 22.77 10.00 -31.89
C LYS C 15 22.59 8.49 -31.72
N VAL C 16 21.70 8.10 -30.81
CA VAL C 16 21.37 6.70 -30.60
C VAL C 16 20.09 6.35 -31.38
N VAL C 17 20.16 5.28 -32.16
CA VAL C 17 19.06 4.93 -33.06
C VAL C 17 18.24 3.75 -32.56
N LEU C 18 16.92 3.89 -32.60
CA LEU C 18 16.00 2.81 -32.27
C LEU C 18 15.73 1.95 -33.50
N LEU C 19 16.03 0.66 -33.41
CA LEU C 19 15.89 -0.24 -34.55
C LEU C 19 14.63 -1.10 -34.44
N LYS C 20 14.50 -1.85 -33.35
CA LYS C 20 13.33 -2.70 -33.13
C LYS C 20 13.07 -2.88 -31.65
N ALA C 21 11.79 -2.88 -31.26
CA ALA C 21 11.42 -2.98 -29.86
C ALA C 21 10.19 -3.84 -29.65
N ALA C 22 10.10 -4.46 -28.47
CA ALA C 22 8.94 -5.24 -28.08
C ALA C 22 8.48 -4.80 -26.69
N TYR C 23 7.17 -4.66 -26.51
CA TYR C 23 6.63 -4.17 -25.25
C TYR C 23 5.58 -5.10 -24.66
N ASP C 24 5.38 -4.99 -23.35
CA ASP C 24 4.33 -5.74 -22.66
C ASP C 24 3.79 -4.88 -21.51
N VAL C 25 2.97 -3.90 -21.86
CA VAL C 25 2.42 -2.96 -20.88
C VAL C 25 1.03 -3.40 -20.46
N SER C 26 0.83 -4.71 -20.36
CA SER C 26 -0.48 -5.26 -20.01
C SER C 26 -0.75 -5.20 -18.51
N SER C 27 0.31 -5.24 -17.71
CA SER C 27 0.17 -5.26 -16.26
C SER C 27 -0.21 -3.90 -15.69
N PHE C 28 -0.05 -2.85 -16.50
CA PHE C 28 -0.32 -1.49 -16.06
C PHE C 28 -1.78 -1.10 -16.26
N SER C 29 -2.19 0.00 -15.63
CA SER C 29 -3.54 0.52 -15.79
C SER C 29 -3.77 0.96 -17.23
N PHE C 30 -4.98 0.71 -17.73
CA PHE C 30 -5.30 0.85 -19.16
C PHE C 30 -4.93 2.20 -19.77
N PHE C 31 -5.43 3.28 -19.19
CA PHE C 31 -5.26 4.60 -19.77
C PHE C 31 -3.87 5.18 -19.50
N GLN C 32 -3.01 4.42 -18.84
CA GLN C 32 -1.65 4.85 -18.58
C GLN C 32 -0.65 4.06 -19.42
N ARG C 33 -1.13 3.01 -20.08
CA ARG C 33 -0.28 2.13 -20.88
C ARG C 33 0.43 2.88 -22.00
N SER C 34 -0.26 3.84 -22.61
CA SER C 34 0.31 4.63 -23.70
C SER C 34 1.52 5.43 -23.23
N SER C 35 1.39 6.04 -22.05
CA SER C 35 2.47 6.86 -21.51
C SER C 35 3.64 6.01 -21.04
N VAL C 36 3.34 4.90 -20.37
CA VAL C 36 4.36 4.02 -19.82
C VAL C 36 5.30 3.48 -20.90
N GLN C 37 4.71 3.05 -22.02
CA GLN C 37 5.49 2.52 -23.13
C GLN C 37 6.48 3.55 -23.67
N GLU C 38 6.07 4.81 -23.69
CA GLU C 38 6.94 5.88 -24.17
C GLU C 38 8.11 6.12 -23.23
N PHE C 39 7.88 5.97 -21.94
CA PHE C 39 8.94 6.15 -20.95
C PHE C 39 9.99 5.07 -21.07
N MET C 40 9.54 3.84 -21.32
CA MET C 40 10.46 2.71 -21.47
C MET C 40 11.30 2.85 -22.74
N THR C 41 10.75 3.55 -23.73
CA THR C 41 11.49 3.86 -24.95
C THR C 41 12.49 4.98 -24.67
N PHE C 42 12.02 6.01 -23.96
CA PHE C 42 12.87 7.14 -23.58
C PHE C 42 13.98 6.70 -22.64
N THR C 43 13.68 5.73 -21.77
CA THR C 43 14.66 5.23 -20.82
C THR C 43 15.76 4.45 -21.53
N SER C 44 15.35 3.46 -22.33
CA SER C 44 16.28 2.59 -23.04
C SER C 44 17.30 3.35 -23.87
N GLN C 45 16.85 4.44 -24.51
CA GLN C 45 17.73 5.27 -25.31
C GLN C 45 18.70 6.05 -24.42
N LEU C 46 18.19 6.57 -23.31
CA LEU C 46 19.00 7.37 -22.39
C LEU C 46 20.10 6.54 -21.73
N ILE C 47 19.82 5.26 -21.52
CA ILE C 47 20.80 4.36 -20.92
C ILE C 47 21.99 4.16 -21.86
N VAL C 48 21.72 3.96 -23.14
CA VAL C 48 22.75 3.75 -24.13
C VAL C 48 23.57 5.03 -24.36
N GLU C 49 22.92 6.17 -24.19
CA GLU C 49 23.60 7.46 -24.33
C GLU C 49 24.63 7.68 -23.24
N ARG C 50 24.55 6.87 -22.18
CA ARG C 50 25.49 6.97 -21.06
C ARG C 50 26.26 5.68 -20.85
N SER C 51 26.25 4.80 -21.86
CA SER C 51 26.93 3.51 -21.76
C SER C 51 28.06 3.39 -22.77
N SER C 52 29.24 3.03 -22.28
CA SER C 52 30.41 2.88 -23.13
C SER C 52 30.37 1.56 -23.90
N LYS C 53 31.22 1.43 -24.90
CA LYS C 53 31.26 0.24 -25.74
C LYS C 53 31.85 -0.95 -25.00
N GLY C 54 31.24 -2.12 -25.18
CA GLY C 54 31.73 -3.35 -24.58
C GLY C 54 31.59 -3.41 -23.08
N THR C 55 30.48 -2.87 -22.56
CA THR C 55 30.22 -2.87 -21.13
C THR C 55 28.80 -3.32 -20.81
N ARG C 56 28.62 -3.96 -19.67
CA ARG C 56 27.30 -4.34 -19.18
C ARG C 56 26.96 -3.59 -17.91
N ALA C 57 25.70 -3.17 -17.80
CA ALA C 57 25.25 -2.43 -16.62
C ALA C 57 23.79 -2.73 -16.31
N SER C 58 23.39 -2.43 -15.07
CA SER C 58 22.01 -2.61 -14.64
C SER C 58 21.52 -1.39 -13.88
N VAL C 59 20.76 -0.54 -14.56
CA VAL C 59 20.21 0.66 -13.93
C VAL C 59 18.97 0.31 -13.12
N LYS C 60 19.02 0.64 -11.83
CA LYS C 60 17.92 0.32 -10.93
C LYS C 60 17.09 1.54 -10.59
N GLU C 61 15.77 1.38 -10.65
CA GLU C 61 14.84 2.40 -10.20
C GLU C 61 13.90 1.75 -9.18
N GLN C 62 13.04 2.54 -8.56
CA GLN C 62 12.10 1.99 -7.60
C GLN C 62 11.07 1.10 -8.29
N ASP C 63 11.08 -0.18 -7.94
CA ASP C 63 10.17 -1.19 -8.48
C ASP C 63 10.37 -1.45 -9.97
N TYR C 64 11.49 -0.98 -10.52
CA TYR C 64 11.82 -1.23 -11.92
C TYR C 64 13.31 -1.47 -12.10
N LEU C 65 13.67 -2.38 -13.00
CA LEU C 65 15.06 -2.76 -13.20
C LEU C 65 15.41 -2.84 -14.67
N CYS C 66 16.37 -2.01 -15.09
CA CYS C 66 16.78 -1.97 -16.49
C CYS C 66 18.13 -2.65 -16.69
N HIS C 67 18.23 -3.46 -17.74
CA HIS C 67 19.47 -4.17 -18.05
C HIS C 67 19.94 -3.85 -19.46
N VAL C 68 21.18 -3.37 -19.58
CA VAL C 68 21.71 -2.92 -20.85
C VAL C 68 22.96 -3.69 -21.26
N TYR C 69 23.06 -4.00 -22.56
CA TYR C 69 24.23 -4.65 -23.11
C TYR C 69 24.68 -3.94 -24.39
N VAL C 70 25.74 -3.13 -24.28
CA VAL C 70 26.30 -2.46 -25.44
C VAL C 70 27.58 -3.17 -25.88
N ARG C 71 27.53 -3.84 -27.02
CA ARG C 71 28.67 -4.62 -27.50
C ARG C 71 29.76 -3.72 -28.08
N ASN C 72 30.80 -4.34 -28.61
CA ASN C 72 31.94 -3.62 -29.16
C ASN C 72 31.59 -2.92 -30.47
N ASP C 73 30.69 -3.52 -31.24
CA ASP C 73 30.26 -2.97 -32.52
C ASP C 73 29.10 -2.00 -32.35
N SER C 74 28.96 -1.45 -31.15
CA SER C 74 27.96 -0.44 -30.83
C SER C 74 26.53 -0.90 -31.08
N LEU C 75 26.29 -2.20 -31.00
CA LEU C 75 24.94 -2.74 -31.10
C LEU C 75 24.35 -2.95 -29.71
N ALA C 76 23.51 -2.02 -29.29
CA ALA C 76 22.96 -2.03 -27.94
C ALA C 76 21.65 -2.81 -27.86
N GLY C 77 21.39 -3.37 -26.69
CA GLY C 77 20.15 -4.10 -26.43
C GLY C 77 19.74 -3.95 -24.98
N VAL C 78 18.54 -3.42 -24.76
CA VAL C 78 18.09 -3.15 -23.40
C VAL C 78 16.80 -3.89 -23.06
N VAL C 79 16.80 -4.57 -21.92
CA VAL C 79 15.59 -5.21 -21.41
C VAL C 79 15.21 -4.59 -20.06
N ILE C 80 13.93 -4.25 -19.92
CA ILE C 80 13.44 -3.65 -18.68
C ILE C 80 12.51 -4.60 -17.96
N ALA C 81 12.84 -4.92 -16.71
CA ALA C 81 12.05 -5.85 -15.92
C ALA C 81 11.80 -5.30 -14.51
N ASP C 82 11.14 -6.11 -13.69
CA ASP C 82 10.87 -5.73 -12.31
C ASP C 82 12.02 -6.17 -11.40
N ASN C 83 11.87 -5.90 -10.10
CA ASN C 83 12.90 -6.22 -9.13
C ASN C 83 13.07 -7.73 -8.90
N GLU C 84 12.03 -8.49 -9.20
CA GLU C 84 12.06 -9.94 -9.01
C GLU C 84 12.90 -10.64 -10.06
N TYR C 85 12.79 -10.19 -11.31
CA TYR C 85 13.46 -10.84 -12.43
C TYR C 85 14.97 -10.82 -12.27
N PRO C 86 15.60 -12.00 -12.31
CA PRO C 86 17.05 -12.15 -12.13
C PRO C 86 17.85 -11.51 -13.26
N SER C 87 18.94 -10.84 -12.90
CA SER C 87 19.75 -10.13 -13.88
C SER C 87 20.47 -11.08 -14.84
N ARG C 88 20.82 -12.26 -14.33
CA ARG C 88 21.56 -13.23 -15.13
C ARG C 88 20.75 -13.73 -16.33
N VAL C 89 19.47 -13.95 -16.13
CA VAL C 89 18.59 -14.39 -17.22
C VAL C 89 18.29 -13.23 -18.16
N ALA C 90 18.34 -12.02 -17.62
CA ALA C 90 18.12 -10.81 -18.42
C ALA C 90 19.22 -10.62 -19.46
N PHE C 91 20.47 -10.71 -19.02
CA PHE C 91 21.62 -10.55 -19.91
C PHE C 91 21.73 -11.73 -20.88
N THR C 92 21.22 -12.89 -20.46
CA THR C 92 21.20 -14.07 -21.31
C THR C 92 20.27 -13.84 -22.50
N LEU C 93 19.12 -13.24 -22.24
CA LEU C 93 18.16 -12.92 -23.29
C LEU C 93 18.71 -11.84 -24.22
N LEU C 94 19.43 -10.88 -23.64
CA LEU C 94 20.02 -9.80 -24.42
C LEU C 94 21.05 -10.31 -25.43
N GLU C 95 21.77 -11.36 -25.04
CA GLU C 95 22.84 -11.89 -25.89
C GLU C 95 22.30 -12.72 -27.05
N LYS C 96 21.30 -13.55 -26.78
CA LYS C 96 20.75 -14.44 -27.80
C LYS C 96 19.99 -13.66 -28.88
N VAL C 97 19.56 -12.46 -28.55
CA VAL C 97 18.84 -11.62 -29.50
C VAL C 97 19.81 -10.85 -30.39
N LEU C 98 20.83 -10.27 -29.77
CA LEU C 98 21.82 -9.47 -30.49
C LEU C 98 22.64 -10.31 -31.46
N ASP C 99 22.71 -11.62 -31.22
CA ASP C 99 23.41 -12.53 -32.10
C ASP C 99 22.55 -12.91 -33.31
N GLU C 100 21.27 -13.12 -33.05
CA GLU C 100 20.33 -13.48 -34.11
C GLU C 100 19.86 -12.22 -34.86
N PHE C 101 20.25 -11.06 -34.35
CA PHE C 101 19.88 -9.80 -34.98
C PHE C 101 20.83 -9.46 -36.12
N SER C 102 22.11 -9.78 -35.93
CA SER C 102 23.12 -9.55 -36.96
C SER C 102 23.02 -10.61 -38.05
N LYS C 103 22.35 -11.71 -37.73
CA LYS C 103 22.19 -12.82 -38.67
C LYS C 103 21.13 -12.50 -39.72
N GLN C 104 20.09 -11.79 -39.32
CA GLN C 104 18.98 -11.48 -40.21
C GLN C 104 19.08 -10.07 -40.79
N VAL C 105 19.68 -9.16 -40.04
CA VAL C 105 19.84 -7.77 -40.48
C VAL C 105 21.31 -7.42 -40.65
N ASP C 106 21.65 -6.87 -41.82
CA ASP C 106 23.04 -6.52 -42.11
C ASP C 106 23.51 -5.36 -41.25
N ARG C 107 24.83 -5.21 -41.13
CA ARG C 107 25.42 -4.22 -40.25
C ARG C 107 25.47 -2.83 -40.89
N ILE C 108 25.07 -2.74 -42.15
CA ILE C 108 25.08 -1.46 -42.85
C ILE C 108 23.76 -0.72 -42.67
N ASP C 109 22.75 -1.44 -42.19
CA ASP C 109 21.43 -0.87 -41.97
C ASP C 109 21.29 -0.35 -40.54
N TRP C 110 22.34 -0.51 -39.74
CA TRP C 110 22.30 -0.15 -38.33
C TRP C 110 22.32 1.37 -38.06
N PRO C 111 23.25 2.12 -38.67
CA PRO C 111 23.27 3.55 -38.31
C PRO C 111 22.08 4.33 -38.85
N VAL C 112 21.39 3.80 -39.84
CA VAL C 112 20.21 4.46 -40.40
C VAL C 112 18.98 3.57 -40.27
N GLY C 113 18.90 2.84 -39.16
CA GLY C 113 17.80 1.92 -38.92
C GLY C 113 16.54 2.63 -38.45
N SER C 114 15.41 1.93 -38.56
CA SER C 114 14.12 2.47 -38.12
C SER C 114 13.14 1.33 -37.86
N PRO C 115 12.27 1.51 -36.86
CA PRO C 115 11.26 0.49 -36.48
C PRO C 115 10.36 0.06 -37.63
N ALA C 116 10.27 0.88 -38.68
CA ALA C 116 9.45 0.56 -39.83
C ALA C 116 10.29 0.01 -40.99
N THR C 117 11.60 0.16 -40.88
CA THR C 117 12.51 -0.28 -41.94
C THR C 117 13.16 -1.62 -41.62
N ILE C 118 13.50 -1.81 -40.35
CA ILE C 118 14.15 -3.05 -39.91
C ILE C 118 13.13 -4.19 -39.80
N HIS C 119 13.46 -5.33 -40.40
CA HIS C 119 12.58 -6.49 -40.38
C HIS C 119 13.03 -7.52 -39.34
N TYR C 120 12.45 -7.44 -38.14
CA TYR C 120 12.76 -8.38 -37.08
C TYR C 120 11.56 -8.63 -36.20
N PRO C 121 10.74 -9.62 -36.56
CA PRO C 121 9.50 -9.97 -35.85
C PRO C 121 9.71 -11.03 -34.77
N ALA C 122 10.96 -11.26 -34.38
CA ALA C 122 11.26 -12.30 -33.40
C ALA C 122 11.42 -11.74 -31.99
N LEU C 123 11.06 -10.48 -31.81
CA LEU C 123 11.18 -9.83 -30.50
C LEU C 123 9.98 -10.13 -29.60
N ASP C 124 8.77 -10.00 -30.15
CA ASP C 124 7.57 -10.30 -29.40
C ASP C 124 7.48 -11.78 -29.08
N GLY C 125 8.08 -12.60 -29.94
CA GLY C 125 8.14 -14.03 -29.71
C GLY C 125 8.98 -14.40 -28.51
N HIS C 126 10.07 -13.68 -28.30
CA HIS C 126 11.00 -13.96 -27.22
C HIS C 126 10.57 -13.29 -25.91
N LEU C 127 10.02 -12.08 -26.03
CA LEU C 127 9.59 -11.33 -24.85
C LEU C 127 8.48 -12.06 -24.10
N SER C 128 7.61 -12.73 -24.85
CA SER C 128 6.48 -13.44 -24.27
C SER C 128 6.91 -14.82 -23.75
N ARG C 129 8.00 -15.35 -24.31
CA ARG C 129 8.50 -16.67 -23.90
C ARG C 129 9.40 -16.57 -22.66
N TYR C 130 10.18 -15.50 -22.59
CA TYR C 130 11.11 -15.31 -21.47
C TYR C 130 10.45 -14.64 -20.27
N GLN C 131 9.13 -14.65 -20.25
CA GLN C 131 8.39 -14.08 -19.13
C GLN C 131 8.63 -14.90 -17.87
N ASN C 132 8.43 -16.22 -17.98
CA ASN C 132 8.73 -17.13 -16.89
C ASN C 132 10.02 -17.88 -17.17
N PRO C 133 11.09 -17.55 -16.42
CA PRO C 133 12.42 -18.14 -16.61
C PRO C 133 12.46 -19.65 -16.42
N ARG C 134 11.45 -20.21 -15.78
CA ARG C 134 11.37 -21.66 -15.59
C ARG C 134 10.80 -22.33 -16.84
N GLU C 135 10.60 -21.54 -17.89
CA GLU C 135 10.05 -22.03 -19.14
C GLU C 135 10.96 -21.65 -20.31
N ALA C 136 12.01 -20.89 -20.02
CA ALA C 136 12.95 -20.45 -21.04
C ALA C 136 14.00 -21.51 -21.32
N ASP C 137 14.61 -21.43 -22.51
CA ASP C 137 15.62 -22.39 -22.92
C ASP C 137 16.84 -22.33 -22.01
N PRO C 138 17.48 -23.48 -21.76
CA PRO C 138 18.67 -23.52 -20.90
C PRO C 138 19.98 -23.39 -21.68
N MET C 139 20.23 -22.20 -22.22
CA MET C 139 21.46 -21.95 -22.95
C MET C 139 22.64 -21.80 -22.00
N THR C 140 23.40 -22.87 -21.85
CA THR C 140 24.57 -22.87 -20.96
C THR C 140 25.81 -22.38 -21.69
N LYS C 141 25.73 -22.33 -23.01
CA LYS C 141 26.85 -21.84 -23.82
C LYS C 141 27.02 -20.34 -23.66
N VAL C 142 25.90 -19.64 -23.51
CA VAL C 142 25.90 -18.20 -23.36
C VAL C 142 26.32 -17.77 -21.96
N GLN C 143 25.71 -18.39 -20.96
CA GLN C 143 25.95 -18.04 -19.56
C GLN C 143 27.37 -18.41 -19.10
N ALA C 144 28.03 -19.26 -19.87
CA ALA C 144 29.39 -19.69 -19.54
C ALA C 144 30.37 -18.53 -19.61
N GLU C 145 30.26 -17.74 -20.67
CA GLU C 145 31.15 -16.59 -20.88
C GLU C 145 30.37 -15.29 -20.84
N LEU C 146 29.36 -15.23 -19.99
CA LEU C 146 28.49 -14.07 -19.92
C LEU C 146 28.89 -13.10 -18.80
N ASP C 147 28.86 -13.58 -17.57
CA ASP C 147 29.06 -12.71 -16.41
C ASP C 147 30.47 -12.79 -15.84
N GLU C 148 31.17 -11.66 -15.90
CA GLU C 148 32.44 -11.52 -15.18
C GLU C 148 32.20 -10.68 -13.93
N THR C 149 30.92 -10.50 -13.61
CA THR C 149 30.47 -9.67 -12.48
C THR C 149 31.01 -8.25 -12.58
N LYS C 150 31.26 -7.80 -13.81
CA LYS C 150 31.68 -6.43 -14.07
C LYS C 150 30.47 -5.56 -14.40
N ILE C 151 29.29 -6.08 -14.09
CA ILE C 151 28.04 -5.37 -14.33
C ILE C 151 27.90 -4.20 -13.37
N ILE C 152 28.10 -2.99 -13.88
CA ILE C 152 28.01 -1.79 -13.05
C ILE C 152 26.57 -1.50 -12.63
N LEU C 153 26.37 -1.32 -11.34
CA LEU C 153 25.03 -1.07 -10.79
C LEU C 153 24.83 0.40 -10.45
N HIS C 154 23.60 0.87 -10.61
CA HIS C 154 23.25 2.24 -10.28
C HIS C 154 22.00 2.30 -9.41
N ASN C 155 22.08 3.04 -8.31
CA ASN C 155 20.95 3.17 -7.40
C ASN C 155 19.77 3.88 -8.06
N THR C 156 20.07 4.89 -8.85
CA THR C 156 19.08 5.56 -9.70
C THR C 156 19.71 5.83 -11.06
N MET C 157 18.93 6.35 -12.00
CA MET C 157 19.46 6.68 -13.31
C MET C 157 20.05 8.09 -13.30
N GLU C 158 20.18 8.66 -12.11
CA GLU C 158 20.82 9.96 -11.93
C GLU C 158 22.34 9.80 -11.96
N SER C 159 22.80 8.60 -11.63
CA SER C 159 24.23 8.30 -11.59
C SER C 159 24.86 8.35 -12.98
N LEU C 160 24.03 8.13 -13.99
CA LEU C 160 24.51 8.18 -15.37
C LEU C 160 24.68 9.62 -15.85
N LEU C 161 23.82 10.51 -15.35
CA LEU C 161 23.83 11.91 -15.75
C LEU C 161 25.04 12.65 -15.20
N GLU C 162 25.16 13.92 -15.55
CA GLU C 162 26.28 14.75 -15.08
C GLU C 162 26.04 15.23 -13.65
N ARG C 163 26.92 16.10 -13.17
CA ARG C 163 26.84 16.61 -11.81
C ARG C 163 25.63 17.52 -11.62
N GLY C 164 25.46 18.47 -12.54
CA GLY C 164 24.36 19.42 -12.45
C GLY C 164 23.31 19.19 -13.52
N GLU C 165 23.19 17.95 -13.99
CA GLU C 165 22.21 17.61 -15.02
C GLU C 165 20.90 17.15 -14.39
N LYS C 166 19.85 17.94 -14.60
CA LYS C 166 18.54 17.63 -14.05
C LYS C 166 17.74 16.72 -14.96
N LEU C 167 17.19 15.65 -14.38
CA LEU C 167 16.44 14.65 -15.15
C LEU C 167 15.13 15.22 -15.68
N ASP C 168 14.57 16.19 -14.96
CA ASP C 168 13.31 16.81 -15.36
C ASP C 168 13.47 17.57 -16.68
N ASP C 169 14.68 18.07 -16.93
CA ASP C 169 14.97 18.78 -18.16
C ASP C 169 15.26 17.82 -19.32
N LEU C 170 15.32 16.54 -19.00
CA LEU C 170 15.52 15.51 -20.01
C LEU C 170 14.20 14.90 -20.43
N VAL C 171 13.20 15.05 -19.57
CA VAL C 171 11.86 14.50 -19.82
C VAL C 171 11.05 15.43 -20.69
N SER C 172 10.97 16.70 -20.30
CA SER C 172 10.14 17.68 -20.99
C SER C 172 10.76 18.15 -22.30
N LYS C 173 12.01 17.77 -22.54
CA LYS C 173 12.72 18.20 -23.75
C LYS C 173 12.72 17.10 -24.82
N SER C 174 12.57 15.86 -24.38
CA SER C 174 12.63 14.71 -25.28
C SER C 174 11.56 14.75 -26.36
N GLU C 175 11.92 14.29 -27.55
CA GLU C 175 10.98 14.26 -28.68
C GLU C 175 10.31 12.90 -28.78
N VAL C 176 10.79 11.94 -27.99
CA VAL C 176 10.20 10.61 -27.95
C VAL C 176 8.92 10.61 -27.13
N LEU C 177 8.97 11.25 -25.97
CA LEU C 177 7.82 11.33 -25.08
C LEU C 177 6.74 12.26 -25.65
N GLY C 178 5.49 11.82 -25.56
CA GLY C 178 4.37 12.62 -26.03
C GLY C 178 4.07 13.79 -25.11
N THR C 179 3.18 14.67 -25.55
CA THR C 179 2.82 15.84 -24.75
C THR C 179 2.06 15.45 -23.49
N GLN C 180 1.33 14.34 -23.55
CA GLN C 180 0.61 13.84 -22.38
C GLN C 180 1.52 13.00 -21.51
N SER C 181 2.63 12.52 -22.09
CA SER C 181 3.59 11.74 -21.36
C SER C 181 4.52 12.63 -20.55
N LYS C 182 4.86 13.78 -21.11
CA LYS C 182 5.66 14.78 -20.40
C LYS C 182 4.91 15.26 -19.17
N ALA C 183 3.62 15.51 -19.35
CA ALA C 183 2.77 15.93 -18.25
C ALA C 183 2.62 14.80 -17.23
N PHE C 184 2.54 13.56 -17.73
CA PHE C 184 2.37 12.39 -16.88
C PHE C 184 3.54 12.23 -15.91
N TYR C 185 4.72 12.67 -16.33
CA TYR C 185 5.89 12.64 -15.47
C TYR C 185 5.83 13.75 -14.43
N LYS C 186 5.48 14.95 -14.89
CA LYS C 186 5.38 16.10 -13.99
C LYS C 186 4.15 15.98 -13.10
N THR C 187 3.01 15.63 -13.69
CA THR C 187 1.79 15.39 -12.93
C THR C 187 1.72 13.94 -12.50
N ALA C 188 2.85 13.42 -12.02
CA ALA C 188 2.92 12.04 -11.54
C ALA C 188 2.04 11.86 -10.32
N ARG C 189 1.80 12.95 -9.62
CA ARG C 189 1.04 12.94 -8.36
C ARG C 189 1.63 11.89 -7.43
N LYS C 190 2.79 12.20 -6.87
CA LYS C 190 3.59 11.23 -6.11
C LYS C 190 2.76 10.42 -5.12
N GLN C 191 3.04 9.12 -5.11
CA GLN C 191 2.19 8.11 -4.47
C GLN C 191 1.80 8.44 -3.02
N ASN C 192 0.63 7.94 -2.61
CA ASN C 192 -0.01 8.39 -1.38
C ASN C 192 -0.17 7.31 -0.30
N SER C 193 -0.41 6.07 -0.74
CA SER C 193 -0.80 4.98 0.15
C SER C 193 0.10 4.84 1.38
N CYS C 194 -0.44 4.20 2.42
CA CYS C 194 0.14 4.16 3.76
C CYS C 194 0.04 5.54 4.40
N CMT C 195 -1.16 6.10 4.40
CA CMT C 195 -1.44 7.32 5.06
C CMT C 195 -2.53 7.05 6.08
O CMT C 195 -3.42 7.86 6.26
CB CMT C 195 -1.94 8.37 4.08
SG CMT C 195 -1.03 9.88 4.26
OXT CMT C 195 -2.51 5.86 6.82
C1 CMT C 195 -3.50 4.92 6.43
O1 TLA D . 13.90 -1.38 25.33
O11 TLA D . 15.83 -2.39 25.42
C1 TLA D . 14.94 -1.69 25.97
C2 TLA D . 15.11 -1.23 27.40
O2 TLA D . 13.86 -0.80 27.91
C3 TLA D . 16.10 -0.08 27.43
O3 TLA D . 15.90 0.72 26.29
C4 TLA D . 15.87 0.74 28.68
O4 TLA D . 14.81 1.40 28.81
O41 TLA D . 16.75 0.78 29.58
C1 FAR E . -2.02 10.75 5.53
C2 FAR E . -2.59 12.05 4.97
C3 FAR E . -2.24 13.24 5.48
C5 FAR E . -2.82 14.52 4.93
C6 FAR E . -3.91 15.07 5.83
C7 FAR E . -3.32 15.98 6.90
C8 FAR E . -4.12 16.69 7.73
C9 FAR E . -3.49 17.57 8.77
C11 FAR E . -3.93 19.01 8.58
C12 FAR E . -4.21 19.64 9.93
C13 FAR E . -3.28 20.38 10.57
C14 FAR E . -3.61 21.01 11.91
C15 FAR E . -1.90 20.59 9.96
C4 FAR E . -1.23 13.30 6.63
C10 FAR E . -5.63 16.59 7.60
C1 GER F . 1.67 1.83 5.85
C2 GER F . 1.18 1.94 7.28
C3 GER F . -0.14 1.91 7.54
C4 GER F . -1.15 1.76 6.42
C5 GER F . -0.61 2.02 8.97
C6 GER F . 0.06 0.96 9.81
C7 GER F . -0.37 1.13 11.24
C8 GER F . -1.34 0.35 11.76
C9 GER F . -2.01 -0.71 10.91
C10 GER F . -1.75 0.53 13.21
C11 GER F . -2.80 1.61 13.29
C12 GER F . -2.79 2.21 14.68
C13 GER F . -3.77 3.06 15.07
C14 GER F . -4.88 3.43 14.11
C15 GER F . -3.74 3.65 16.46
C16 GER F . -3.63 5.15 16.37
C17 GER F . -2.22 5.54 16.01
C18 GER F . -1.37 5.97 16.96
C19 GER F . -1.82 6.08 18.41
C20 GER F . 0.05 6.36 16.60
P1 DPO G . 0.90 -2.65 3.99
O1 DPO G . -0.15 -2.27 5.00
O2 DPO G . 0.24 -3.11 2.73
O3 DPO G . 1.77 -3.76 4.55
O4 DPO G . 1.81 -1.39 3.69
P2 DPO G . 1.71 -0.55 2.34
O5 DPO G . 0.31 -0.01 2.20
O6 DPO G . 2.03 -1.45 1.17
O7 DPO G . 2.69 0.59 2.39
#